data_6I59
#
_entry.id   6I59
#
_cell.length_a   91.830
_cell.length_b   171.600
_cell.length_c   69.260
_cell.angle_alpha   90.00
_cell.angle_beta   90.00
_cell.angle_gamma   90.00
#
_symmetry.space_group_name_H-M   'P 21 21 2'
#
loop_
_entity.id
_entity.type
_entity.pdbx_description
1 polymer 'Helicase SEN1'
2 non-polymer "ADENOSINE-5'-DIPHOSPHATE"
3 non-polymer 1,2-ETHANEDIOL
4 non-polymer GLYCEROL
5 non-polymer DI(HYDROXYETHYL)ETHER
6 non-polymer 'MAGNESIUM ION'
7 water water
#
_entity_poly.entity_id   1
_entity_poly.type   'polypeptide(L)'
_entity_poly.pdbx_seq_one_letter_code
;MNSAELAKQELEHMRKRLNVDMNPLYEIILQWDYTRNSEYPDDEPIGNYSDVKDFFNSPADYQKVMKPLLLLESWQGLCS
SRDREDYKPFSIIVGNRTAVSDFYDVYASVAKQVIQDCGISESDLIVMAYLPDFRPDKRLSSDDFKKAQHTCLAKVRTLK
NTKGGNVDVTLRIHRNHSFSKFLTLRSEIYCVKVMQMTTIEREYSTLEGLEYYDLVGQILQAKPSPPVNVDAAEIETVKK
SYKLNTSQAEAIVNSVSKEGFSLIQGPPGTGKTKTILGIIGYFLSTKNASSSNVIKVPLEKNSSNTEQLLKKQKILICAP
SNAAVDEICLRLKSGVYDKQGHQFKPQLVRVGRSDVVNVAIKDLTLEELVDKRIGERNYGSGSKNSVNYRNRDLDRRNAQ
AHILAVSDIICSTLSGSAHDVLATMGIKFDTVIIDEACQCTELSSIIPLRYGGKRCIMVGDPNQLPPTVLSGAASNFKYN
QSLFVRMEKNSSPYLLDVQYRMHPSISKFPSSEFYQGRLKDGPGMDILNKRPWHQLEPLAPYKFFDIISGRQEQNAKTMS
YTNMEEIRVAIELVDYLFRKFDNKIDFTGKIGIISPYREQMQKMRKEFARYFGGMINKSIDFNTIDGFQGQEKEIILISC
VRADDTKSSVGFLKDFRRMNVALTRAKTSIWVLGHQRSLAKSKLWRDLIEDAKDRSCLAYACSGFLDPRNNRAQSILRKF
NVPVPSEQEDDYKLPMEYITQGPDEVKSN
;
_entity_poly.pdbx_strand_id   A
#
loop_
_chem_comp.id
_chem_comp.type
_chem_comp.name
_chem_comp.formula
ADP non-polymer ADENOSINE-5'-DIPHOSPHATE 'C10 H15 N5 O10 P2'
EDO non-polymer 1,2-ETHANEDIOL 'C2 H6 O2'
GOL non-polymer GLYCEROL 'C3 H8 O3'
MG non-polymer 'MAGNESIUM ION' 'Mg 2'
PEG non-polymer DI(HYDROXYETHYL)ETHER 'C4 H10 O3'
#
# COMPACT_ATOMS: atom_id res chain seq x y z
N GLU A 5 -1.17 19.02 35.84
CA GLU A 5 -1.40 20.45 35.94
C GLU A 5 -1.86 21.01 34.59
N LEU A 6 -1.14 22.02 34.10
CA LEU A 6 -1.36 22.59 32.77
C LEU A 6 -0.22 22.12 31.86
N ALA A 7 -0.55 21.28 30.89
CA ALA A 7 0.45 20.61 30.05
C ALA A 7 0.63 21.38 28.75
N LYS A 8 1.44 22.44 28.83
CA LYS A 8 2.02 23.08 27.64
C LYS A 8 3.12 22.23 27.02
N GLN A 9 3.61 21.22 27.76
CA GLN A 9 4.46 20.21 27.15
C GLN A 9 3.77 19.49 26.00
N GLU A 10 2.44 19.56 25.92
CA GLU A 10 1.78 19.07 24.70
C GLU A 10 2.21 19.89 23.50
N LEU A 11 2.18 21.22 23.63
CA LEU A 11 2.68 22.08 22.56
C LEU A 11 4.17 21.83 22.30
N GLU A 12 4.95 21.62 23.37
CA GLU A 12 6.38 21.38 23.17
C GLU A 12 6.64 20.06 22.44
N HIS A 13 5.91 19.00 22.80
CA HIS A 13 6.06 17.72 22.13
C HIS A 13 5.57 17.78 20.70
N MET A 14 4.49 18.53 20.44
CA MET A 14 4.06 18.76 19.06
C MET A 14 5.16 19.43 18.26
N ARG A 15 5.81 20.43 18.84
CA ARG A 15 6.92 21.10 18.14
C ARG A 15 8.05 20.12 17.83
N LYS A 16 8.42 19.31 18.83
CA LYS A 16 9.44 18.29 18.61
C LYS A 16 9.03 17.34 17.48
N ARG A 17 7.80 16.83 17.50
CA ARG A 17 7.38 15.86 16.51
C ARG A 17 7.32 16.47 15.11
N LEU A 18 7.00 17.75 15.01
CA LEU A 18 6.88 18.39 13.72
C LEU A 18 8.18 19.01 13.21
N ASN A 19 9.23 19.06 14.04
CA ASN A 19 10.49 19.67 13.60
C ASN A 19 11.67 18.75 13.87
N VAL A 20 11.65 17.56 13.27
CA VAL A 20 12.77 16.64 13.40
C VAL A 20 13.88 17.05 12.43
N ASP A 21 15.13 16.94 12.88
CA ASP A 21 16.27 17.36 12.07
C ASP A 21 16.66 16.25 11.08
N MET A 22 16.73 16.61 9.80
CA MET A 22 17.09 15.66 8.74
C MET A 22 18.58 15.60 8.48
N ASN A 23 19.35 16.53 9.05
CA ASN A 23 20.79 16.51 8.90
C ASN A 23 21.42 15.20 9.34
N PRO A 24 20.99 14.54 10.43
CA PRO A 24 21.56 13.21 10.71
C PRO A 24 21.27 12.20 9.62
N LEU A 25 20.11 12.28 8.98
CA LEU A 25 19.81 11.37 7.89
C LEU A 25 20.77 11.59 6.74
N TYR A 26 21.02 12.84 6.38
CA TYR A 26 21.87 13.07 5.23
C TYR A 26 23.35 12.95 5.57
N GLU A 27 23.72 13.04 6.85
CA GLU A 27 25.08 12.67 7.25
C GLU A 27 25.40 11.23 6.84
N ILE A 28 24.42 10.34 6.97
CA ILE A 28 24.60 8.97 6.54
C ILE A 28 24.52 8.86 5.03
N ILE A 29 23.43 9.36 4.46
CA ILE A 29 23.15 9.07 3.05
C ILE A 29 24.16 9.72 2.12
N LEU A 30 24.56 10.96 2.41
CA LEU A 30 25.46 11.66 1.51
C LEU A 30 26.87 11.09 1.52
N GLN A 31 27.18 10.11 2.36
CA GLN A 31 28.46 9.42 2.34
C GLN A 31 28.37 8.07 1.64
N TRP A 32 27.21 7.71 1.10
CA TRP A 32 27.07 6.43 0.43
C TRP A 32 27.80 6.45 -0.91
N ASP A 33 27.96 5.26 -1.48
CA ASP A 33 28.67 5.08 -2.74
C ASP A 33 27.66 4.64 -3.79
N TYR A 34 27.38 5.54 -4.74
CA TYR A 34 26.39 5.24 -5.78
C TYR A 34 26.79 4.04 -6.61
N THR A 35 28.09 3.77 -6.71
CA THR A 35 28.61 2.69 -7.55
C THR A 35 28.72 1.36 -6.82
N ARG A 36 28.24 1.28 -5.59
CA ARG A 36 28.46 0.08 -4.78
C ARG A 36 27.56 -1.06 -5.24
N ASN A 37 28.15 -2.25 -5.39
CA ASN A 37 27.44 -3.45 -5.81
C ASN A 37 27.20 -4.31 -4.57
N SER A 38 26.09 -4.04 -3.88
CA SER A 38 25.85 -4.74 -2.63
C SER A 38 24.39 -4.58 -2.22
N GLU A 39 23.88 -5.59 -1.51
CA GLU A 39 22.57 -5.47 -0.91
C GLU A 39 22.56 -4.40 0.18
N TYR A 40 23.70 -4.14 0.77
CA TYR A 40 23.82 -3.27 1.93
C TYR A 40 24.58 -2.01 1.59
N PRO A 41 24.29 -0.89 2.26
CA PRO A 41 24.92 0.38 1.91
C PRO A 41 26.36 0.52 2.37
N ASP A 42 26.84 -0.30 3.30
CA ASP A 42 28.24 -0.24 3.74
C ASP A 42 28.69 -1.64 4.15
N ASP A 43 29.85 -1.71 4.81
CA ASP A 43 30.45 -2.97 5.23
C ASP A 43 30.41 -3.16 6.75
N GLU A 44 29.44 -2.55 7.41
CA GLU A 44 29.24 -2.83 8.83
C GLU A 44 28.90 -4.30 9.03
N PRO A 45 29.18 -4.85 10.22
CA PRO A 45 28.90 -6.27 10.45
C PRO A 45 27.41 -6.56 10.37
N ILE A 46 27.07 -7.72 9.81
CA ILE A 46 25.67 -8.11 9.61
C ILE A 46 24.92 -8.09 10.93
N GLY A 47 25.58 -8.43 12.04
CA GLY A 47 24.95 -8.42 13.34
C GLY A 47 24.47 -7.05 13.81
N ASN A 48 24.90 -5.96 13.15
CA ASN A 48 24.32 -4.67 13.45
C ASN A 48 22.83 -4.63 13.13
N TYR A 49 22.35 -5.52 12.28
CA TYR A 49 20.94 -5.63 11.96
C TYR A 49 20.31 -6.73 12.80
N SER A 50 19.03 -6.54 13.13
CA SER A 50 18.29 -7.53 13.90
C SER A 50 16.82 -7.46 13.50
N ASP A 51 16.09 -8.51 13.86
CA ASP A 51 14.67 -8.59 13.50
C ASP A 51 13.88 -7.51 14.21
N VAL A 52 12.78 -7.10 13.58
CA VAL A 52 11.79 -6.30 14.28
C VAL A 52 11.20 -7.15 15.40
N LYS A 53 11.34 -6.66 16.63
CA LYS A 53 10.88 -7.42 17.79
C LYS A 53 9.37 -7.31 17.95
N ASP A 54 8.77 -8.35 18.52
CA ASP A 54 7.35 -8.29 18.88
C ASP A 54 7.10 -7.18 19.89
N PHE A 55 8.09 -6.89 20.72
CA PHE A 55 7.90 -6.00 21.86
C PHE A 55 9.18 -5.20 22.04
N PHE A 56 9.04 -3.87 22.11
CA PHE A 56 10.18 -2.98 22.29
C PHE A 56 10.14 -2.35 23.67
N ASN A 57 11.32 -2.22 24.28
CA ASN A 57 11.45 -1.74 25.65
C ASN A 57 11.47 -0.23 25.77
N SER A 58 11.89 0.48 24.73
CA SER A 58 12.04 1.93 24.80
C SER A 58 12.11 2.48 23.38
N PRO A 59 11.89 3.79 23.21
CA PRO A 59 12.13 4.39 21.90
C PRO A 59 13.54 4.17 21.38
N ALA A 60 14.54 4.12 22.27
CA ALA A 60 15.90 3.88 21.81
C ALA A 60 16.06 2.46 21.28
N ASP A 61 15.47 1.48 21.97
CA ASP A 61 15.43 0.11 21.45
C ASP A 61 14.78 0.08 20.07
N TYR A 62 13.59 0.69 19.96
CA TYR A 62 12.90 0.74 18.69
C TYR A 62 13.77 1.36 17.60
N GLN A 63 14.45 2.47 17.92
CA GLN A 63 15.25 3.15 16.91
C GLN A 63 16.48 2.35 16.52
N LYS A 64 17.14 1.75 17.50
CA LYS A 64 18.28 0.89 17.22
C LYS A 64 17.90 -0.24 16.27
N VAL A 65 16.68 -0.77 16.41
CA VAL A 65 16.28 -1.82 15.47
C VAL A 65 15.87 -1.23 14.12
N MET A 66 15.13 -0.13 14.13
CA MET A 66 14.40 0.28 12.93
C MET A 66 15.24 1.13 11.98
N LYS A 67 16.08 2.01 12.51
CA LYS A 67 16.85 2.90 11.63
C LYS A 67 17.71 2.15 10.63
N PRO A 68 18.46 1.09 11.01
CA PRO A 68 19.19 0.34 9.98
C PRO A 68 18.31 -0.22 8.90
N LEU A 69 17.09 -0.66 9.24
CA LEU A 69 16.22 -1.25 8.23
C LEU A 69 15.66 -0.18 7.30
N LEU A 70 15.28 0.98 7.86
CA LEU A 70 14.85 2.10 7.01
C LEU A 70 15.96 2.50 6.04
N LEU A 71 17.20 2.63 6.55
CA LEU A 71 18.30 2.98 5.67
C LEU A 71 18.59 1.89 4.66
N LEU A 72 18.38 0.61 5.03
CA LEU A 72 18.59 -0.49 4.10
C LEU A 72 17.59 -0.45 2.95
N GLU A 73 16.31 -0.20 3.27
CA GLU A 73 15.31 -0.04 2.22
C GLU A 73 15.63 1.16 1.34
N SER A 74 16.12 2.25 1.95
CA SER A 74 16.50 3.42 1.15
C SER A 74 17.65 3.08 0.21
N TRP A 75 18.66 2.37 0.72
CA TRP A 75 19.76 1.92 -0.12
C TRP A 75 19.24 1.08 -1.28
N GLN A 76 18.31 0.16 -1.00
CA GLN A 76 17.78 -0.67 -2.07
C GLN A 76 17.02 0.16 -3.09
N GLY A 77 16.36 1.23 -2.66
CA GLY A 77 15.71 2.13 -3.61
C GLY A 77 16.71 2.82 -4.50
N LEU A 78 17.81 3.31 -3.92
CA LEU A 78 18.90 3.84 -4.72
C LEU A 78 19.35 2.82 -5.76
N CYS A 79 19.57 1.57 -5.33
CA CYS A 79 20.06 0.56 -6.25
C CYS A 79 19.06 0.26 -7.36
N SER A 80 17.76 0.21 -7.01
CA SER A 80 16.74 -0.08 -8.01
C SER A 80 16.67 1.01 -9.05
N SER A 81 16.65 2.27 -8.60
CA SER A 81 16.61 3.36 -9.56
C SER A 81 17.89 3.44 -10.39
N ARG A 82 19.02 2.99 -9.82
CA ARG A 82 20.27 3.02 -10.57
C ARG A 82 20.28 1.97 -11.68
N ASP A 83 19.84 0.76 -11.35
CA ASP A 83 19.91 -0.37 -12.27
C ASP A 83 18.72 -0.48 -13.21
N ARG A 84 17.63 0.26 -12.98
CA ARG A 84 16.44 0.15 -13.80
C ARG A 84 15.93 1.47 -14.34
N GLU A 85 15.80 2.50 -13.49
CA GLU A 85 14.95 3.65 -13.75
C GLU A 85 15.36 4.47 -14.96
N ASP A 86 16.60 4.33 -15.43
CA ASP A 86 17.04 5.00 -16.66
C ASP A 86 16.77 6.51 -16.59
N TYR A 87 17.01 7.10 -15.43
CA TYR A 87 16.86 8.55 -15.29
C TYR A 87 17.77 9.27 -16.28
N LYS A 88 17.30 10.42 -16.76
CA LYS A 88 17.97 11.14 -17.83
C LYS A 88 19.05 12.05 -17.24
N PRO A 89 20.32 11.82 -17.56
CA PRO A 89 21.38 12.68 -17.01
C PRO A 89 21.32 14.09 -17.58
N PHE A 90 22.02 14.98 -16.88
CA PHE A 90 22.14 16.37 -17.28
C PHE A 90 23.52 16.86 -16.81
N SER A 91 23.76 18.17 -16.95
CA SER A 91 25.00 18.75 -16.46
C SER A 91 24.69 20.10 -15.83
N ILE A 92 25.54 20.49 -14.88
CA ILE A 92 25.38 21.76 -14.18
C ILE A 92 26.68 22.53 -14.25
N ILE A 93 26.58 23.86 -14.09
CA ILE A 93 27.77 24.70 -13.96
C ILE A 93 27.90 25.13 -12.50
N VAL A 94 29.07 24.83 -11.91
CA VAL A 94 29.33 25.04 -10.49
C VAL A 94 29.69 26.50 -10.24
N GLY A 95 29.31 27.00 -9.06
CA GLY A 95 29.72 28.32 -8.62
C GLY A 95 30.35 28.23 -7.25
N ASN A 96 29.93 29.09 -6.33
CA ASN A 96 30.52 29.12 -4.99
C ASN A 96 29.90 28.04 -4.11
N ARG A 97 30.47 27.87 -2.92
CA ARG A 97 29.98 26.91 -1.96
C ARG A 97 30.08 27.50 -0.56
N THR A 98 29.28 26.96 0.35
CA THR A 98 29.18 27.46 1.71
C THR A 98 29.23 26.28 2.67
N ALA A 99 30.09 26.38 3.69
CA ALA A 99 30.21 25.34 4.70
C ALA A 99 29.08 25.47 5.72
N VAL A 100 28.23 24.45 5.81
CA VAL A 100 27.13 24.42 6.76
C VAL A 100 27.19 23.07 7.47
N SER A 101 27.46 23.10 8.78
CA SER A 101 27.47 21.91 9.63
C SER A 101 28.50 20.94 9.04
N ASP A 102 28.16 19.66 8.86
CA ASP A 102 29.05 18.70 8.21
C ASP A 102 28.82 18.63 6.70
N PHE A 103 28.45 19.74 6.08
CA PHE A 103 28.06 19.74 4.68
C PHE A 103 28.68 20.91 3.94
N TYR A 104 28.69 20.79 2.62
CA TYR A 104 28.94 21.89 1.70
C TYR A 104 27.66 22.15 0.92
N ASP A 105 27.17 23.39 0.98
CA ASP A 105 26.09 23.85 0.13
C ASP A 105 26.73 24.46 -1.12
N VAL A 106 26.65 23.74 -2.24
CA VAL A 106 27.25 24.14 -3.51
C VAL A 106 26.17 24.76 -4.38
N TYR A 107 26.42 25.96 -4.88
CA TYR A 107 25.50 26.65 -5.75
C TYR A 107 25.86 26.38 -7.20
N ALA A 108 24.85 26.30 -8.06
CA ALA A 108 25.08 25.91 -9.43
C ALA A 108 23.97 26.48 -10.30
N SER A 109 24.17 26.42 -11.60
CA SER A 109 23.19 26.92 -12.55
C SER A 109 22.83 25.82 -13.54
N VAL A 110 21.54 25.76 -13.88
CA VAL A 110 21.04 24.80 -14.87
C VAL A 110 19.79 25.37 -15.52
N ALA A 111 19.57 25.01 -16.78
CA ALA A 111 18.42 25.53 -17.53
C ALA A 111 17.11 24.95 -17.00
N LYS A 112 16.05 25.77 -17.01
CA LYS A 112 14.76 25.33 -16.53
C LYS A 112 14.21 24.19 -17.38
N GLN A 113 14.43 24.25 -18.69
CA GLN A 113 13.96 23.16 -19.56
C GLN A 113 14.63 21.85 -19.19
N VAL A 114 15.88 21.89 -18.74
CA VAL A 114 16.57 20.67 -18.34
C VAL A 114 16.02 20.16 -17.01
N ILE A 115 15.79 21.07 -16.06
CA ILE A 115 15.14 20.68 -14.80
C ILE A 115 13.81 20.00 -15.08
N GLN A 116 13.03 20.53 -16.02
CA GLN A 116 11.71 19.97 -16.29
C GLN A 116 11.83 18.63 -17.02
N ASP A 117 12.71 18.54 -18.02
CA ASP A 117 12.84 17.29 -18.78
C ASP A 117 13.42 16.17 -17.93
N CYS A 118 14.24 16.51 -16.93
CA CYS A 118 14.85 15.52 -16.06
C CYS A 118 14.07 15.29 -14.77
N GLY A 119 12.99 16.04 -14.55
CA GLY A 119 12.12 15.81 -13.41
C GLY A 119 12.76 16.09 -12.06
N ILE A 120 13.57 17.14 -11.97
CA ILE A 120 14.30 17.45 -10.74
C ILE A 120 13.45 18.39 -9.89
N SER A 121 13.33 18.08 -8.62
CA SER A 121 12.62 18.94 -7.68
C SER A 121 13.43 19.03 -6.39
N GLU A 122 12.99 19.92 -5.50
CA GLU A 122 13.69 20.13 -4.23
C GLU A 122 13.63 18.91 -3.32
N SER A 123 12.93 17.86 -3.70
CA SER A 123 12.83 16.65 -2.90
C SER A 123 13.76 15.55 -3.39
N ASP A 124 14.59 15.83 -4.37
CA ASP A 124 15.36 14.81 -5.07
C ASP A 124 16.77 14.65 -4.52
N LEU A 125 17.22 13.41 -4.49
CA LEU A 125 18.63 13.08 -4.36
C LEU A 125 19.17 12.84 -5.76
N ILE A 126 20.39 13.32 -6.01
CA ILE A 126 21.06 13.13 -7.29
C ILE A 126 22.46 12.59 -7.02
N VAL A 127 23.10 12.12 -8.08
CA VAL A 127 24.50 11.75 -8.05
C VAL A 127 25.24 12.55 -9.13
N MET A 128 26.37 13.12 -8.72
CA MET A 128 27.28 13.84 -9.59
C MET A 128 28.45 12.94 -9.97
N ALA A 129 29.00 13.19 -11.13
CA ALA A 129 30.11 12.44 -11.67
C ALA A 129 31.04 13.39 -12.41
N TYR A 130 32.32 13.08 -12.28
CA TYR A 130 33.39 13.74 -13.02
C TYR A 130 33.76 12.83 -14.18
N LEU A 131 33.40 13.24 -15.40
CA LEU A 131 33.67 12.48 -16.62
C LEU A 131 34.37 13.40 -17.61
N PRO A 132 35.66 13.67 -17.40
CA PRO A 132 36.34 14.65 -18.26
C PRO A 132 36.60 14.14 -19.67
N ASP A 133 36.53 12.83 -19.89
CA ASP A 133 36.74 12.26 -21.22
C ASP A 133 35.43 11.99 -21.96
N PHE A 134 34.33 12.53 -21.47
CA PHE A 134 33.05 12.43 -22.17
C PHE A 134 32.97 13.46 -23.29
N ARG A 135 32.49 13.00 -24.45
CA ARG A 135 32.24 13.89 -25.57
C ARG A 135 30.78 13.83 -25.96
N PRO A 136 30.18 14.95 -26.40
CA PRO A 136 28.76 14.92 -26.81
C PRO A 136 28.48 13.92 -27.94
N ASP A 137 29.52 13.30 -28.50
CA ASP A 137 29.33 12.23 -29.47
C ASP A 137 28.34 11.18 -28.97
N LYS A 138 28.50 10.75 -27.72
CA LYS A 138 27.75 9.63 -27.19
C LYS A 138 26.60 10.07 -26.30
N ARG A 139 25.68 9.15 -26.06
CA ARG A 139 24.56 9.36 -25.17
C ARG A 139 24.96 8.95 -23.76
N LEU A 140 24.66 9.80 -22.79
CA LEU A 140 25.03 9.60 -21.38
C LEU A 140 23.87 8.96 -20.64
N SER A 141 24.16 7.91 -19.86
CA SER A 141 23.16 7.20 -19.08
C SER A 141 23.67 7.00 -17.65
N SER A 142 22.80 6.46 -16.79
CA SER A 142 23.20 6.20 -15.42
C SER A 142 24.19 5.04 -15.32
N ASP A 143 24.35 4.26 -16.38
CA ASP A 143 25.39 3.23 -16.38
C ASP A 143 26.76 3.88 -16.34
N ASP A 144 26.93 5.00 -17.02
CA ASP A 144 28.20 5.74 -16.97
C ASP A 144 28.49 6.22 -15.55
N PHE A 145 27.45 6.63 -14.82
CA PHE A 145 27.62 7.00 -13.40
C PHE A 145 27.94 5.79 -12.54
N LYS A 146 27.24 4.67 -12.81
CA LYS A 146 27.46 3.43 -12.07
C LYS A 146 28.89 2.92 -12.23
N LYS A 147 29.50 3.15 -13.38
CA LYS A 147 30.85 2.65 -13.62
C LYS A 147 31.93 3.71 -13.40
N ALA A 148 31.54 4.92 -12.99
CA ALA A 148 32.49 6.01 -12.85
C ALA A 148 33.34 5.85 -11.59
N GLN A 149 34.59 6.29 -11.68
CA GLN A 149 35.49 6.23 -10.52
C GLN A 149 35.17 7.33 -9.51
N HIS A 150 34.74 8.50 -9.96
CA HIS A 150 34.50 9.65 -9.09
C HIS A 150 33.03 10.04 -9.17
N THR A 151 32.26 9.63 -8.17
CA THR A 151 30.86 10.02 -8.05
C THR A 151 30.62 10.58 -6.66
N CYS A 152 29.46 11.23 -6.49
CA CYS A 152 29.17 11.89 -5.23
C CYS A 152 27.67 12.10 -5.11
N LEU A 153 27.10 11.71 -3.98
CA LEU A 153 25.67 11.94 -3.76
C LEU A 153 25.42 13.35 -3.27
N ALA A 154 24.38 13.98 -3.79
CA ALA A 154 24.03 15.34 -3.43
C ALA A 154 22.51 15.47 -3.30
N LYS A 155 22.06 16.20 -2.29
CA LYS A 155 20.64 16.45 -2.10
C LYS A 155 20.29 17.80 -2.70
N VAL A 156 19.22 17.85 -3.50
CA VAL A 156 18.78 19.12 -4.06
C VAL A 156 18.14 19.93 -2.94
N ARG A 157 18.86 20.93 -2.43
CA ARG A 157 18.30 21.80 -1.39
C ARG A 157 17.29 22.78 -1.97
N THR A 158 17.71 23.59 -2.94
CA THR A 158 16.88 24.71 -3.36
C THR A 158 16.90 24.86 -4.88
N LEU A 159 15.75 25.21 -5.45
CA LEU A 159 15.60 25.51 -6.87
C LEU A 159 14.85 26.84 -7.00
N LYS A 160 15.54 27.86 -7.51
CA LYS A 160 14.94 29.17 -7.70
C LYS A 160 15.00 29.58 -9.17
N ASN A 161 13.85 29.91 -9.74
CA ASN A 161 13.82 30.39 -11.11
C ASN A 161 14.44 31.78 -11.21
N THR A 162 15.27 31.97 -12.22
CA THR A 162 15.89 33.27 -12.49
C THR A 162 15.31 33.85 -13.77
N LYS A 163 15.96 34.90 -14.29
CA LYS A 163 15.38 35.65 -15.40
C LYS A 163 15.43 34.86 -16.70
N GLY A 164 16.64 34.59 -17.20
CA GLY A 164 16.80 34.03 -18.54
C GLY A 164 16.47 32.56 -18.70
N GLY A 165 15.32 32.13 -18.21
CA GLY A 165 14.95 30.72 -18.29
C GLY A 165 15.91 29.78 -17.60
N ASN A 166 16.57 30.23 -16.54
CA ASN A 166 17.54 29.43 -15.81
C ASN A 166 17.04 29.15 -14.39
N VAL A 167 17.81 28.35 -13.66
CA VAL A 167 17.50 27.96 -12.29
C VAL A 167 18.79 27.97 -11.48
N ASP A 168 18.78 28.75 -10.40
CA ASP A 168 19.76 28.62 -9.33
C ASP A 168 19.47 27.34 -8.55
N VAL A 169 20.49 26.50 -8.38
CA VAL A 169 20.36 25.26 -7.64
C VAL A 169 21.30 25.32 -6.44
N THR A 170 20.79 24.93 -5.29
CA THR A 170 21.61 24.69 -4.11
C THR A 170 21.57 23.20 -3.82
N LEU A 171 22.71 22.54 -3.96
CA LEU A 171 22.89 21.12 -3.69
C LEU A 171 23.69 20.97 -2.41
N ARG A 172 23.41 19.92 -1.64
CA ARG A 172 24.13 19.67 -0.41
C ARG A 172 24.94 18.38 -0.51
N ILE A 173 26.24 18.46 -0.26
CA ILE A 173 27.10 17.29 -0.20
C ILE A 173 27.77 17.27 1.17
N HIS A 174 28.47 16.17 1.45
CA HIS A 174 29.14 16.02 2.72
C HIS A 174 30.52 16.65 2.68
N ARG A 175 30.90 17.31 3.79
CA ARG A 175 32.22 17.91 3.93
C ARG A 175 33.33 16.94 3.58
N ASN A 176 33.21 15.69 4.05
CA ASN A 176 34.30 14.73 3.95
C ASN A 176 34.52 14.21 2.53
N HIS A 177 33.66 14.53 1.57
CA HIS A 177 33.70 13.82 0.29
C HIS A 177 34.76 14.43 -0.62
N SER A 178 35.77 13.61 -0.95
CA SER A 178 36.88 14.06 -1.79
C SER A 178 36.41 14.65 -3.12
N PHE A 179 35.22 14.23 -3.59
CA PHE A 179 34.70 14.76 -4.84
C PHE A 179 34.62 16.28 -4.86
N SER A 180 34.60 16.94 -3.69
CA SER A 180 34.60 18.40 -3.68
C SER A 180 35.76 18.98 -4.47
N LYS A 181 36.86 18.24 -4.63
CA LYS A 181 38.02 18.75 -5.36
C LYS A 181 37.69 19.04 -6.82
N PHE A 182 36.65 18.40 -7.37
CA PHE A 182 36.22 18.68 -8.73
C PHE A 182 35.24 19.84 -8.84
N LEU A 183 34.74 20.34 -7.71
CA LEU A 183 33.73 21.39 -7.72
C LEU A 183 34.39 22.77 -7.71
N THR A 184 35.27 22.98 -8.69
CA THR A 184 35.90 24.27 -8.90
C THR A 184 34.93 25.20 -9.61
N LEU A 185 35.14 26.51 -9.42
CA LEU A 185 34.24 27.51 -9.99
C LEU A 185 34.16 27.36 -11.50
N ARG A 186 32.92 27.37 -12.02
CA ARG A 186 32.56 27.27 -13.42
C ARG A 186 32.87 25.91 -14.04
N SER A 187 33.11 24.88 -13.24
CA SER A 187 33.28 23.54 -13.79
C SER A 187 31.94 22.96 -14.23
N GLU A 188 31.99 22.14 -15.27
CA GLU A 188 30.82 21.41 -15.73
C GLU A 188 30.82 20.03 -15.09
N ILE A 189 29.76 19.71 -14.35
CA ILE A 189 29.67 18.44 -13.62
C ILE A 189 28.44 17.68 -14.12
N TYR A 190 28.58 16.36 -14.30
CA TYR A 190 27.46 15.58 -14.83
C TYR A 190 26.63 15.00 -13.69
N CYS A 191 25.32 15.01 -13.86
CA CYS A 191 24.43 14.63 -12.77
C CYS A 191 23.34 13.70 -13.31
N VAL A 192 22.73 12.95 -12.40
CA VAL A 192 21.52 12.20 -12.73
C VAL A 192 20.74 11.96 -11.43
N LYS A 193 19.41 11.98 -11.55
CA LYS A 193 18.55 11.78 -10.40
C LYS A 193 18.70 10.36 -9.87
N VAL A 194 18.64 10.20 -8.56
CA VAL A 194 18.77 8.90 -7.92
C VAL A 194 17.37 8.53 -7.49
N MET A 195 16.80 9.36 -6.63
CA MET A 195 15.47 9.12 -6.10
C MET A 195 15.02 10.35 -5.31
N GLN A 196 13.70 10.45 -5.19
CA GLN A 196 13.00 11.47 -4.42
C GLN A 196 12.85 11.04 -2.97
N MET A 197 13.17 11.96 -2.06
CA MET A 197 13.46 11.63 -0.67
C MET A 197 12.30 11.89 0.28
N THR A 198 11.12 12.21 -0.21
CA THR A 198 10.06 12.70 0.67
C THR A 198 9.58 11.61 1.62
N THR A 199 9.31 10.41 1.08
CA THR A 199 8.82 9.33 1.91
C THR A 199 9.86 8.92 2.96
N ILE A 200 11.11 8.75 2.54
CA ILE A 200 12.18 8.42 3.48
C ILE A 200 12.27 9.47 4.58
N GLU A 201 12.22 10.75 4.21
CA GLU A 201 12.30 11.82 5.21
C GLU A 201 11.14 11.77 6.19
N ARG A 202 9.92 11.52 5.70
CA ARG A 202 8.78 11.51 6.61
C ARG A 202 8.85 10.34 7.57
N GLU A 203 9.21 9.15 7.07
CA GLU A 203 9.35 8.00 7.94
C GLU A 203 10.49 8.20 8.94
N TYR A 204 11.58 8.85 8.51
CA TYR A 204 12.68 9.16 9.42
C TYR A 204 12.24 10.13 10.51
N SER A 205 11.47 11.16 10.12
CA SER A 205 10.92 12.09 11.10
C SER A 205 10.10 11.37 12.15
N THR A 206 9.22 10.47 11.69
CA THR A 206 8.42 9.69 12.63
C THR A 206 9.31 8.86 13.54
N LEU A 207 10.26 8.12 12.95
CA LEU A 207 11.11 7.23 13.72
C LEU A 207 11.87 7.98 14.82
N GLU A 208 12.42 9.14 14.48
CA GLU A 208 13.24 9.86 15.45
C GLU A 208 12.41 10.62 16.47
N GLY A 209 11.25 11.15 16.08
CA GLY A 209 10.41 11.81 17.05
C GLY A 209 9.46 10.90 17.81
N LEU A 210 9.55 9.59 17.61
CA LEU A 210 8.65 8.64 18.26
C LEU A 210 8.49 8.90 19.75
N GLU A 211 9.56 9.26 20.44
CA GLU A 211 9.51 9.32 21.90
C GLU A 211 8.55 10.39 22.40
N TYR A 212 8.14 11.32 21.56
CA TYR A 212 7.21 12.37 21.93
C TYR A 212 5.79 12.09 21.46
N TYR A 213 5.52 10.91 20.91
CA TYR A 213 4.19 10.58 20.43
C TYR A 213 3.30 10.14 21.58
N ASP A 214 2.02 10.52 21.52
CA ASP A 214 1.11 10.24 22.62
C ASP A 214 0.91 8.75 22.83
N LEU A 215 0.94 7.97 21.75
CA LEU A 215 0.69 6.53 21.83
C LEU A 215 1.98 5.71 21.73
N VAL A 216 3.10 6.29 22.17
CA VAL A 216 4.40 5.63 22.04
C VAL A 216 4.42 4.32 22.83
N GLY A 217 3.76 4.28 23.98
CA GLY A 217 3.74 3.05 24.76
C GLY A 217 3.01 1.94 24.04
N GLN A 218 1.80 2.22 23.56
CA GLN A 218 1.05 1.22 22.82
C GLN A 218 1.80 0.78 21.57
N ILE A 219 2.51 1.70 20.92
CA ILE A 219 3.27 1.35 19.73
C ILE A 219 4.43 0.43 20.07
N LEU A 220 5.22 0.79 21.08
CA LEU A 220 6.35 -0.03 21.47
C LEU A 220 5.91 -1.41 21.91
N GLN A 221 4.81 -1.49 22.66
CA GLN A 221 4.35 -2.76 23.19
C GLN A 221 3.44 -3.51 22.24
N ALA A 222 3.09 -2.91 21.10
CA ALA A 222 2.15 -3.51 20.15
C ALA A 222 0.88 -3.95 20.86
N LYS A 223 0.41 -3.12 21.77
CA LYS A 223 -0.65 -3.48 22.71
C LYS A 223 -1.79 -2.48 22.62
N PRO A 224 -2.84 -2.79 21.87
CA PRO A 224 -3.99 -1.87 21.82
C PRO A 224 -4.66 -1.74 23.18
N SER A 225 -5.55 -0.75 23.26
CA SER A 225 -6.27 -0.45 24.49
C SER A 225 -7.21 -1.60 24.86
N PRO A 226 -7.48 -1.78 26.15
CA PRO A 226 -8.45 -2.79 26.55
C PRO A 226 -9.86 -2.35 26.15
N PRO A 227 -10.78 -3.29 25.97
CA PRO A 227 -12.16 -2.91 25.64
C PRO A 227 -12.84 -2.23 26.82
N VAL A 228 -13.62 -1.20 26.51
CA VAL A 228 -14.49 -0.58 27.50
C VAL A 228 -15.87 -1.21 27.34
N ASN A 229 -16.80 -0.86 28.21
CA ASN A 229 -18.16 -1.38 28.13
C ASN A 229 -19.05 -0.37 27.41
N VAL A 230 -19.84 -0.87 26.47
CA VAL A 230 -20.69 -0.03 25.64
C VAL A 230 -22.12 -0.52 25.72
N ASP A 231 -23.04 0.38 25.38
CA ASP A 231 -24.47 0.12 25.51
C ASP A 231 -25.01 -0.65 24.30
N ALA A 232 -25.66 -1.78 24.58
CA ALA A 232 -26.29 -2.57 23.54
C ALA A 232 -27.35 -1.77 22.79
N ALA A 233 -28.04 -0.86 23.48
CA ALA A 233 -28.97 0.02 22.78
C ALA A 233 -28.22 0.92 21.81
N GLU A 234 -27.02 1.39 22.20
CA GLU A 234 -26.21 2.19 21.29
C GLU A 234 -25.81 1.38 20.07
N ILE A 235 -25.41 0.12 20.27
CA ILE A 235 -25.03 -0.72 19.14
C ILE A 235 -26.22 -0.94 18.21
N GLU A 236 -27.41 -1.18 18.78
CA GLU A 236 -28.60 -1.35 17.94
C GLU A 236 -28.95 -0.08 17.19
N THR A 237 -28.84 1.08 17.85
CA THR A 237 -29.10 2.34 17.18
C THR A 237 -28.15 2.54 16.02
N VAL A 238 -26.85 2.26 16.22
CA VAL A 238 -25.88 2.41 15.14
C VAL A 238 -26.20 1.46 14.00
N LYS A 239 -26.46 0.19 14.34
CA LYS A 239 -26.83 -0.80 13.34
C LYS A 239 -27.97 -0.30 12.45
N LYS A 240 -29.07 0.14 13.08
CA LYS A 240 -30.23 0.58 12.31
C LYS A 240 -29.95 1.84 11.52
N SER A 241 -29.31 2.83 12.14
CA SER A 241 -29.14 4.13 11.49
C SER A 241 -28.18 4.04 10.32
N TYR A 242 -27.12 3.25 10.44
CA TYR A 242 -26.11 3.19 9.39
C TYR A 242 -26.29 2.00 8.46
N LYS A 243 -27.29 1.16 8.70
CA LYS A 243 -27.60 0.02 7.84
C LYS A 243 -26.39 -0.93 7.76
N LEU A 244 -25.94 -1.37 8.93
CA LEU A 244 -24.78 -2.22 9.07
C LEU A 244 -25.20 -3.54 9.68
N ASN A 245 -24.27 -4.49 9.70
CA ASN A 245 -24.50 -5.72 10.45
C ASN A 245 -23.95 -5.56 11.86
N THR A 246 -24.21 -6.59 12.68
CA THR A 246 -23.89 -6.51 14.10
C THR A 246 -22.39 -6.31 14.33
N SER A 247 -21.56 -7.05 13.59
CA SER A 247 -20.12 -6.96 13.78
C SER A 247 -19.60 -5.56 13.46
N GLN A 248 -20.06 -4.99 12.33
CA GLN A 248 -19.67 -3.64 11.97
C GLN A 248 -20.11 -2.63 13.03
N ALA A 249 -21.38 -2.70 13.44
CA ALA A 249 -21.87 -1.77 14.46
C ALA A 249 -21.06 -1.88 15.74
N GLU A 250 -20.76 -3.10 16.18
CA GLU A 250 -19.98 -3.29 17.39
C GLU A 250 -18.59 -2.70 17.25
N ALA A 251 -17.93 -2.96 16.11
CA ALA A 251 -16.61 -2.41 15.88
C ALA A 251 -16.62 -0.89 15.98
N ILE A 252 -17.56 -0.26 15.27
CA ILE A 252 -17.69 1.19 15.32
C ILE A 252 -17.85 1.67 16.75
N VAL A 253 -18.87 1.17 17.45
CA VAL A 253 -19.21 1.72 18.76
C VAL A 253 -18.04 1.56 19.72
N ASN A 254 -17.46 0.35 19.79
CA ASN A 254 -16.36 0.12 20.72
C ASN A 254 -15.14 0.97 20.39
N SER A 255 -14.69 0.91 19.12
CA SER A 255 -13.46 1.61 18.74
C SER A 255 -13.59 3.11 18.93
N VAL A 256 -14.78 3.68 18.72
CA VAL A 256 -14.95 5.11 18.96
C VAL A 256 -15.08 5.40 20.45
N SER A 257 -15.72 4.52 21.22
CA SER A 257 -15.91 4.77 22.64
C SER A 257 -14.62 4.73 23.42
N LYS A 258 -13.61 3.98 22.96
CA LYS A 258 -12.35 3.97 23.68
C LYS A 258 -11.31 4.84 22.97
N GLU A 259 -10.32 5.26 23.75
CA GLU A 259 -9.14 5.92 23.21
C GLU A 259 -8.04 4.89 22.96
N GLY A 260 -6.93 5.33 22.41
CA GLY A 260 -5.84 4.42 22.10
C GLY A 260 -6.05 3.70 20.78
N PHE A 261 -5.39 2.55 20.64
CA PHE A 261 -5.42 1.79 19.40
C PHE A 261 -6.59 0.81 19.38
N SER A 262 -7.22 0.70 18.21
CA SER A 262 -8.24 -0.30 17.96
C SER A 262 -7.96 -0.98 16.64
N LEU A 263 -8.10 -2.30 16.59
CA LEU A 263 -7.89 -3.08 15.39
C LEU A 263 -9.22 -3.64 14.91
N ILE A 264 -9.58 -3.34 13.67
CA ILE A 264 -10.76 -3.90 13.02
C ILE A 264 -10.28 -4.77 11.87
N GLN A 265 -10.53 -6.07 11.97
CA GLN A 265 -10.12 -7.03 10.97
C GLN A 265 -11.26 -7.31 10.02
N GLY A 266 -11.04 -7.07 8.73
CA GLY A 266 -12.04 -7.34 7.73
C GLY A 266 -11.54 -8.27 6.65
N PRO A 267 -12.04 -9.51 6.64
CA PRO A 267 -11.75 -10.43 5.53
C PRO A 267 -12.24 -9.84 4.22
N PRO A 268 -11.89 -10.46 3.08
CA PRO A 268 -12.33 -9.91 1.79
C PRO A 268 -13.84 -9.72 1.72
N GLY A 269 -14.25 -8.51 1.38
CA GLY A 269 -15.64 -8.23 1.10
C GLY A 269 -16.52 -8.11 2.31
N THR A 270 -15.97 -7.73 3.46
CA THR A 270 -16.72 -7.65 4.70
C THR A 270 -17.09 -6.23 5.10
N GLY A 271 -16.71 -5.24 4.31
CA GLY A 271 -17.13 -3.87 4.56
C GLY A 271 -16.19 -3.04 5.41
N LYS A 272 -14.87 -3.13 5.14
CA LYS A 272 -13.92 -2.30 5.85
C LYS A 272 -14.17 -0.82 5.59
N THR A 273 -14.28 -0.46 4.31
CA THR A 273 -14.46 0.95 3.96
C THR A 273 -15.84 1.45 4.39
N LYS A 274 -16.89 0.63 4.23
CA LYS A 274 -18.22 1.01 4.70
C LYS A 274 -18.22 1.27 6.20
N THR A 275 -17.53 0.41 6.96
CA THR A 275 -17.41 0.60 8.40
C THR A 275 -16.64 1.89 8.71
N ILE A 276 -15.67 2.23 7.88
CA ILE A 276 -14.93 3.49 8.11
C ILE A 276 -15.83 4.70 7.85
N LEU A 277 -16.69 4.61 6.84
CA LEU A 277 -17.67 5.67 6.61
C LEU A 277 -18.60 5.82 7.81
N GLY A 278 -19.09 4.68 8.33
CA GLY A 278 -19.88 4.72 9.54
C GLY A 278 -19.13 5.33 10.72
N ILE A 279 -17.84 5.00 10.84
CA ILE A 279 -17.02 5.58 11.89
C ILE A 279 -16.96 7.09 11.74
N ILE A 280 -16.72 7.57 10.53
CA ILE A 280 -16.65 9.01 10.30
C ILE A 280 -17.95 9.68 10.73
N GLY A 281 -19.08 9.18 10.22
CA GLY A 281 -20.35 9.78 10.58
C GLY A 281 -20.61 9.77 12.07
N TYR A 282 -20.42 8.60 12.70
CA TYR A 282 -20.69 8.44 14.12
C TYR A 282 -19.81 9.36 14.96
N PHE A 283 -18.49 9.35 14.70
CA PHE A 283 -17.56 10.19 15.43
C PHE A 283 -17.92 11.66 15.29
N LEU A 284 -18.17 12.12 14.06
CA LEU A 284 -18.43 13.54 13.87
C LEU A 284 -19.72 13.97 14.55
N SER A 285 -20.78 13.16 14.44
CA SER A 285 -22.05 13.54 15.05
C SER A 285 -21.97 13.51 16.58
N THR A 286 -21.39 12.45 17.16
CA THR A 286 -21.28 12.38 18.61
C THR A 286 -20.28 13.39 19.17
N LYS A 287 -19.37 13.92 18.33
CA LYS A 287 -18.48 14.97 18.79
C LYS A 287 -19.15 16.34 18.71
N ASN A 288 -19.94 16.58 17.66
CA ASN A 288 -20.71 17.82 17.57
C ASN A 288 -21.77 17.88 18.66
N ALA A 289 -22.30 16.73 19.08
CA ALA A 289 -23.14 16.67 20.27
C ALA A 289 -22.24 16.38 21.47
N SER A 290 -21.52 17.42 21.89
CA SER A 290 -20.45 17.40 22.91
C SER A 290 -20.40 16.17 23.84
N ASN A 305 -19.66 34.90 28.76
CA ASN A 305 -20.97 35.39 28.37
C ASN A 305 -20.93 36.04 26.98
N THR A 306 -19.75 35.99 26.36
CA THR A 306 -19.56 36.34 24.97
C THR A 306 -19.01 35.12 24.24
N GLU A 307 -19.38 34.99 22.96
CA GLU A 307 -19.03 33.80 22.19
C GLU A 307 -17.52 33.58 22.17
N GLN A 308 -17.11 32.39 22.59
CA GLN A 308 -15.71 31.99 22.54
C GLN A 308 -15.40 31.37 21.17
N LEU A 309 -14.16 31.56 20.74
CA LEU A 309 -13.69 31.05 19.46
C LEU A 309 -12.95 29.73 19.69
N LEU A 310 -13.42 28.68 19.05
CA LEU A 310 -12.85 27.35 19.19
C LEU A 310 -12.45 26.80 17.81
N LYS A 311 -11.40 25.98 17.80
CA LYS A 311 -11.07 25.24 16.60
C LYS A 311 -12.07 24.10 16.41
N LYS A 312 -12.46 23.86 15.15
CA LYS A 312 -13.46 22.84 14.88
C LYS A 312 -12.85 21.45 14.92
N GLN A 313 -13.57 20.51 15.53
CA GLN A 313 -13.13 19.12 15.61
C GLN A 313 -13.04 18.49 14.22
N LYS A 314 -11.94 17.78 13.98
CA LYS A 314 -11.70 17.15 12.69
C LYS A 314 -11.35 15.68 12.90
N ILE A 315 -11.41 14.92 11.82
CA ILE A 315 -10.97 13.53 11.83
C ILE A 315 -9.99 13.33 10.68
N LEU A 316 -8.90 12.60 10.96
CA LEU A 316 -7.89 12.33 9.94
C LEU A 316 -8.10 10.92 9.42
N ILE A 317 -8.26 10.78 8.10
CA ILE A 317 -8.49 9.51 7.43
C ILE A 317 -7.33 9.29 6.48
N CYS A 318 -6.62 8.19 6.65
CA CYS A 318 -5.42 7.92 5.88
C CYS A 318 -5.46 6.53 5.30
N ALA A 319 -4.71 6.34 4.22
CA ALA A 319 -4.55 5.02 3.63
C ALA A 319 -3.17 4.95 3.03
N PRO A 320 -2.62 3.75 2.82
CA PRO A 320 -1.27 3.68 2.25
C PRO A 320 -1.19 4.21 0.82
N SER A 321 -2.22 4.03 0.01
CA SER A 321 -2.15 4.33 -1.41
C SER A 321 -3.19 5.35 -1.85
N ASN A 322 -2.83 6.08 -2.91
CA ASN A 322 -3.75 7.07 -3.48
C ASN A 322 -5.07 6.44 -3.87
N ALA A 323 -5.04 5.19 -4.36
CA ALA A 323 -6.27 4.54 -4.80
C ALA A 323 -7.23 4.33 -3.64
N ALA A 324 -6.72 3.87 -2.50
CA ALA A 324 -7.59 3.67 -1.33
C ALA A 324 -8.10 5.01 -0.80
N VAL A 325 -7.22 6.02 -0.73
CA VAL A 325 -7.68 7.33 -0.30
C VAL A 325 -8.77 7.84 -1.23
N ASP A 326 -8.60 7.66 -2.54
CA ASP A 326 -9.58 8.15 -3.50
C ASP A 326 -10.90 7.40 -3.39
N GLU A 327 -10.86 6.09 -3.13
CA GLU A 327 -12.12 5.37 -2.93
C GLU A 327 -12.84 5.91 -1.69
N ILE A 328 -12.10 6.17 -0.62
CA ILE A 328 -12.71 6.73 0.58
C ILE A 328 -13.38 8.06 0.25
N CYS A 329 -12.69 8.92 -0.51
CA CYS A 329 -13.25 10.23 -0.84
C CYS A 329 -14.52 10.10 -1.70
N LEU A 330 -14.43 9.30 -2.78
CA LEU A 330 -15.58 9.08 -3.66
C LEU A 330 -16.79 8.60 -2.87
N ARG A 331 -16.60 7.66 -1.95
CA ARG A 331 -17.71 7.14 -1.18
C ARG A 331 -18.17 8.12 -0.11
N LEU A 332 -17.31 9.07 0.30
CA LEU A 332 -17.75 10.13 1.19
C LEU A 332 -18.58 11.19 0.48
N LYS A 333 -18.42 11.34 -0.84
CA LYS A 333 -19.19 12.36 -1.57
C LYS A 333 -20.70 12.19 -1.45
N SER A 334 -21.18 11.00 -1.07
CA SER A 334 -22.60 10.80 -0.86
C SER A 334 -23.07 11.26 0.52
N GLY A 335 -22.26 12.04 1.23
CA GLY A 335 -22.58 12.46 2.58
C GLY A 335 -22.39 11.33 3.59
N VAL A 336 -22.39 11.70 4.86
CA VAL A 336 -22.36 10.72 5.94
C VAL A 336 -23.65 10.82 6.75
N TYR A 337 -23.76 10.03 7.81
CA TYR A 337 -25.01 9.94 8.58
C TYR A 337 -24.71 10.10 10.06
N ASP A 338 -25.64 10.73 10.78
CA ASP A 338 -25.52 10.87 12.22
C ASP A 338 -26.11 9.65 12.93
N LYS A 339 -26.03 9.66 14.26
CA LYS A 339 -26.47 8.51 15.05
C LYS A 339 -27.95 8.19 14.85
N GLN A 340 -28.76 9.15 14.40
CA GLN A 340 -30.18 8.94 14.17
C GLN A 340 -30.50 8.54 12.74
N GLY A 341 -29.49 8.42 11.87
CA GLY A 341 -29.70 8.03 10.50
C GLY A 341 -29.92 9.15 9.52
N HIS A 342 -29.77 10.40 9.94
CA HIS A 342 -29.99 11.54 9.06
C HIS A 342 -28.68 11.93 8.39
N GLN A 343 -28.74 12.14 7.07
CA GLN A 343 -27.56 12.49 6.30
C GLN A 343 -27.15 13.93 6.58
N PHE A 344 -25.84 14.15 6.75
CA PHE A 344 -25.25 15.47 6.73
C PHE A 344 -23.99 15.44 5.87
N LYS A 345 -23.58 16.62 5.42
CA LYS A 345 -22.49 16.80 4.46
C LYS A 345 -21.38 17.61 5.11
N PRO A 346 -20.47 16.97 5.83
CA PRO A 346 -19.31 17.68 6.39
C PRO A 346 -18.35 18.10 5.29
N GLN A 347 -17.45 19.00 5.66
CA GLN A 347 -16.52 19.59 4.70
C GLN A 347 -15.28 18.71 4.59
N LEU A 348 -15.02 18.21 3.38
CA LEU A 348 -13.97 17.24 3.13
C LEU A 348 -12.85 17.87 2.32
N VAL A 349 -11.60 17.56 2.68
CA VAL A 349 -10.44 18.04 1.96
C VAL A 349 -9.51 16.86 1.69
N ARG A 350 -9.16 16.66 0.42
CA ARG A 350 -8.17 15.67 0.02
C ARG A 350 -6.80 16.35 -0.04
N VAL A 351 -5.90 15.96 0.85
CA VAL A 351 -4.56 16.54 0.88
C VAL A 351 -3.67 15.76 -0.07
N GLY A 352 -3.06 16.47 -1.02
CA GLY A 352 -2.18 15.88 -2.01
C GLY A 352 -2.90 15.56 -3.31
N ARG A 353 -2.22 15.78 -4.44
CA ARG A 353 -2.78 15.39 -5.73
C ARG A 353 -2.80 13.87 -5.86
N SER A 354 -3.79 13.36 -6.58
CA SER A 354 -3.94 11.92 -6.76
C SER A 354 -3.19 11.44 -8.00
N ASP A 355 -3.03 10.12 -8.11
CA ASP A 355 -2.33 9.55 -9.26
C ASP A 355 -3.18 9.62 -10.52
N VAL A 356 -4.42 9.13 -10.44
CA VAL A 356 -5.32 9.05 -11.60
C VAL A 356 -5.97 10.41 -11.81
N VAL A 357 -6.65 10.57 -12.94
CA VAL A 357 -7.42 11.78 -13.22
C VAL A 357 -8.90 11.45 -13.05
N ASN A 358 -9.59 12.26 -12.25
CA ASN A 358 -11.01 12.12 -11.99
C ASN A 358 -11.50 13.46 -11.48
N VAL A 359 -12.56 13.97 -12.11
CA VAL A 359 -13.08 15.28 -11.72
C VAL A 359 -13.66 15.24 -10.31
N ALA A 360 -14.26 14.10 -9.92
CA ALA A 360 -14.92 14.03 -8.62
C ALA A 360 -13.90 14.11 -7.49
N ILE A 361 -12.71 13.52 -7.69
CA ILE A 361 -11.65 13.63 -6.69
C ILE A 361 -10.92 14.96 -6.80
N LYS A 362 -10.71 15.43 -8.03
CA LYS A 362 -10.04 16.71 -8.22
C LYS A 362 -10.80 17.84 -7.52
N ASP A 363 -12.14 17.79 -7.55
CA ASP A 363 -12.93 18.85 -6.93
C ASP A 363 -12.78 18.88 -5.41
N LEU A 364 -12.23 17.84 -4.81
CA LEU A 364 -12.03 17.77 -3.37
C LEU A 364 -10.62 18.14 -2.93
N THR A 365 -9.66 18.19 -3.85
CA THR A 365 -8.29 18.46 -3.49
C THR A 365 -8.14 19.90 -2.98
N LEU A 366 -7.21 20.07 -2.04
CA LEU A 366 -7.02 21.37 -1.40
C LEU A 366 -6.68 22.44 -2.43
N GLU A 367 -5.86 22.10 -3.42
CA GLU A 367 -5.46 23.08 -4.43
C GLU A 367 -6.67 23.55 -5.24
N GLU A 368 -7.53 22.62 -5.66
CA GLU A 368 -8.73 23.01 -6.40
C GLU A 368 -9.68 23.82 -5.55
N LEU A 369 -9.81 23.46 -4.27
CA LEU A 369 -10.67 24.23 -3.36
C LEU A 369 -10.13 25.66 -3.21
N VAL A 370 -8.81 25.81 -3.14
CA VAL A 370 -8.21 27.14 -3.06
C VAL A 370 -8.48 27.92 -4.35
N ASP A 371 -8.27 27.27 -5.50
CA ASP A 371 -8.59 27.90 -6.78
C ASP A 371 -10.01 28.44 -6.77
N LYS A 372 -10.97 27.60 -6.37
CA LYS A 372 -12.37 28.03 -6.39
C LYS A 372 -12.64 29.11 -5.35
N ARG A 373 -11.91 29.13 -4.23
CA ARG A 373 -12.19 30.15 -3.22
C ARG A 373 -11.64 31.51 -3.62
N ILE A 374 -10.53 31.54 -4.35
CA ILE A 374 -9.93 32.83 -4.74
C ILE A 374 -10.38 33.33 -6.10
N GLY A 375 -10.85 32.46 -6.99
CA GLY A 375 -11.38 32.93 -8.26
C GLY A 375 -10.32 33.51 -9.20
N GLU A 376 -10.79 34.36 -10.13
CA GLU A 376 -9.93 34.96 -11.15
C GLU A 376 -9.45 36.35 -10.76
N ARG A 377 -9.22 36.58 -9.46
CA ARG A 377 -8.83 37.90 -8.99
C ARG A 377 -7.38 38.22 -9.34
N ASN A 378 -6.49 37.23 -9.33
CA ASN A 378 -5.07 37.43 -9.59
C ASN A 378 -4.64 36.94 -10.97
N TYR A 379 -5.58 36.75 -11.90
CA TYR A 379 -5.25 36.38 -13.27
C TYR A 379 -4.45 37.46 -13.96
N ASN A 388 1.06 41.71 -7.23
CA ASN A 388 0.28 40.92 -8.18
C ASN A 388 0.65 39.44 -8.10
N TYR A 389 1.93 39.14 -7.91
CA TYR A 389 2.40 37.81 -7.56
C TYR A 389 2.46 37.61 -6.05
N ARG A 390 2.92 38.64 -5.33
CA ARG A 390 2.82 38.64 -3.88
C ARG A 390 1.36 38.48 -3.45
N ASN A 391 0.47 39.23 -4.09
CA ASN A 391 -0.95 39.10 -3.80
C ASN A 391 -1.45 37.69 -4.12
N ARG A 392 -0.98 37.10 -5.22
CA ARG A 392 -1.41 35.75 -5.58
C ARG A 392 -1.03 34.75 -4.50
N ASP A 393 0.24 34.78 -4.08
CA ASP A 393 0.69 33.85 -3.05
C ASP A 393 -0.03 34.09 -1.72
N LEU A 394 -0.22 35.36 -1.34
CA LEU A 394 -0.91 35.67 -0.10
C LEU A 394 -2.36 35.18 -0.13
N ASP A 395 -3.05 35.39 -1.25
CA ASP A 395 -4.43 34.94 -1.37
C ASP A 395 -4.51 33.42 -1.29
N ARG A 396 -3.60 32.72 -1.98
CA ARG A 396 -3.60 31.26 -1.92
C ARG A 396 -3.37 30.76 -0.51
N ARG A 397 -2.43 31.40 0.21
CA ARG A 397 -2.15 30.96 1.58
C ARG A 397 -3.34 31.22 2.51
N ASN A 398 -3.98 32.38 2.38
CA ASN A 398 -5.15 32.67 3.22
C ASN A 398 -6.30 31.71 2.92
N ALA A 399 -6.54 31.42 1.63
CA ALA A 399 -7.61 30.49 1.30
C ALA A 399 -7.31 29.10 1.83
N GLN A 400 -6.06 28.65 1.70
CA GLN A 400 -5.67 27.37 2.26
C GLN A 400 -5.94 27.32 3.76
N ALA A 401 -5.51 28.36 4.49
CA ALA A 401 -5.75 28.41 5.93
C ALA A 401 -7.24 28.31 6.22
N HIS A 402 -8.06 29.08 5.52
CA HIS A 402 -9.48 29.09 5.85
C HIS A 402 -10.13 27.74 5.53
N ILE A 403 -9.81 27.16 4.37
CA ILE A 403 -10.39 25.87 3.99
C ILE A 403 -10.02 24.80 5.03
N LEU A 404 -8.73 24.72 5.38
CA LEU A 404 -8.31 23.72 6.36
C LEU A 404 -8.96 23.98 7.72
N ALA A 405 -9.17 25.24 8.08
CA ALA A 405 -9.76 25.53 9.39
C ALA A 405 -11.22 25.14 9.43
N VAL A 406 -11.95 25.29 8.32
CA VAL A 406 -13.37 24.96 8.33
C VAL A 406 -13.63 23.52 7.89
N SER A 407 -12.59 22.76 7.54
CA SER A 407 -12.79 21.38 7.14
C SER A 407 -13.20 20.52 8.34
N ASP A 408 -13.94 19.44 8.05
CA ASP A 408 -14.30 18.43 9.04
C ASP A 408 -13.49 17.15 8.88
N ILE A 409 -13.21 16.76 7.65
CA ILE A 409 -12.54 15.51 7.35
C ILE A 409 -11.29 15.82 6.52
N ILE A 410 -10.15 15.27 6.93
CA ILE A 410 -8.91 15.41 6.17
C ILE A 410 -8.51 14.02 5.69
N CYS A 411 -8.51 13.81 4.37
CA CYS A 411 -8.14 12.53 3.77
C CYS A 411 -6.78 12.60 3.12
N SER A 412 -5.95 11.58 3.33
CA SER A 412 -4.63 11.57 2.73
C SER A 412 -4.03 10.17 2.76
N THR A 413 -2.93 10.03 2.04
CA THR A 413 -2.07 8.88 2.23
C THR A 413 -1.36 9.00 3.58
N LEU A 414 -0.88 7.86 4.08
CA LEU A 414 -0.11 7.89 5.31
C LEU A 414 1.09 8.81 5.19
N SER A 415 1.78 8.76 4.05
CA SER A 415 2.90 9.68 3.85
C SER A 415 2.41 11.11 3.73
N GLY A 416 1.39 11.32 2.89
CA GLY A 416 0.87 12.66 2.66
C GLY A 416 0.38 13.37 3.90
N SER A 417 0.09 12.62 4.97
CA SER A 417 -0.36 13.25 6.21
C SER A 417 0.72 14.12 6.84
N ALA A 418 1.99 13.91 6.47
CA ALA A 418 3.08 14.68 7.05
C ALA A 418 3.32 15.99 6.32
N HIS A 419 2.47 16.35 5.37
CA HIS A 419 2.71 17.49 4.51
C HIS A 419 2.69 18.80 5.30
N ASP A 420 3.35 19.82 4.73
CA ASP A 420 3.43 21.12 5.37
C ASP A 420 2.04 21.72 5.59
N VAL A 421 1.12 21.53 4.64
CA VAL A 421 -0.21 22.10 4.80
C VAL A 421 -0.90 21.59 6.07
N LEU A 422 -0.65 20.34 6.46
CA LEU A 422 -1.20 19.89 7.75
C LEU A 422 -0.31 20.32 8.90
N ALA A 423 1.00 20.33 8.68
CA ALA A 423 1.93 20.63 9.76
C ALA A 423 1.80 22.07 10.24
N THR A 424 1.27 22.97 9.42
CA THR A 424 1.14 24.38 9.77
C THR A 424 -0.28 24.78 10.10
N MET A 425 -1.16 23.82 10.37
CA MET A 425 -2.54 24.13 10.68
C MET A 425 -2.74 24.58 12.12
N GLY A 426 -1.83 24.22 13.03
CA GLY A 426 -2.06 24.45 14.43
C GLY A 426 -3.23 23.66 14.97
N ILE A 427 -3.44 22.45 14.44
CA ILE A 427 -4.59 21.62 14.74
C ILE A 427 -4.10 20.30 15.30
N LYS A 428 -4.69 19.88 16.42
CA LYS A 428 -4.47 18.52 16.92
C LYS A 428 -5.44 17.58 16.21
N PHE A 429 -4.91 16.53 15.58
CA PHE A 429 -5.72 15.45 15.02
C PHE A 429 -5.69 14.30 16.02
N ASP A 430 -6.58 14.38 17.00
CA ASP A 430 -6.62 13.37 18.07
C ASP A 430 -7.15 12.03 17.59
N THR A 431 -7.88 11.98 16.48
CA THR A 431 -8.48 10.75 15.98
C THR A 431 -8.05 10.52 14.54
N VAL A 432 -7.30 9.44 14.33
CA VAL A 432 -6.83 9.01 13.03
C VAL A 432 -7.40 7.63 12.73
N ILE A 433 -7.96 7.48 11.53
CA ILE A 433 -8.46 6.19 11.03
C ILE A 433 -7.60 5.81 9.84
N ILE A 434 -7.24 4.53 9.76
CA ILE A 434 -6.37 4.03 8.70
C ILE A 434 -7.08 2.88 8.01
N ASP A 435 -7.35 3.04 6.71
CA ASP A 435 -7.86 1.94 5.89
C ASP A 435 -6.68 1.18 5.29
N GLU A 436 -6.96 -0.08 4.92
CA GLU A 436 -5.95 -0.96 4.33
C GLU A 436 -4.70 -1.00 5.20
N ALA A 437 -4.92 -1.05 6.52
CA ALA A 437 -3.86 -0.83 7.50
C ALA A 437 -2.79 -1.91 7.50
N CYS A 438 -3.04 -3.05 6.85
CA CYS A 438 -2.04 -4.10 6.78
C CYS A 438 -1.11 -3.95 5.58
N GLN A 439 -1.39 -3.02 4.67
CA GLN A 439 -0.59 -2.87 3.46
C GLN A 439 0.37 -1.70 3.55
N CYS A 440 1.06 -1.55 4.69
CA CYS A 440 2.03 -0.48 4.86
C CYS A 440 3.04 -0.89 5.91
N THR A 441 4.18 -0.21 5.92
CA THR A 441 5.16 -0.46 6.96
C THR A 441 4.78 0.27 8.24
N GLU A 442 5.42 -0.12 9.34
CA GLU A 442 5.03 0.38 10.65
C GLU A 442 5.22 1.88 10.77
N LEU A 443 6.41 2.37 10.39
CA LEU A 443 6.65 3.81 10.42
C LEU A 443 5.62 4.56 9.58
N SER A 444 5.31 4.02 8.40
CA SER A 444 4.31 4.63 7.53
C SER A 444 2.96 4.73 8.25
N SER A 445 2.54 3.66 8.94
CA SER A 445 1.28 3.75 9.67
C SER A 445 1.38 4.70 10.85
N ILE A 446 2.58 4.92 11.39
CA ILE A 446 2.70 5.80 12.55
C ILE A 446 2.74 7.27 12.17
N ILE A 447 3.15 7.59 10.95
CA ILE A 447 3.30 8.98 10.47
C ILE A 447 2.15 9.90 10.89
N PRO A 448 0.87 9.57 10.63
CA PRO A 448 -0.20 10.56 10.88
C PRO A 448 -0.48 10.83 12.35
N LEU A 449 0.11 10.08 13.27
CA LEU A 449 -0.13 10.29 14.69
C LEU A 449 0.68 11.45 15.26
N ARG A 450 1.39 12.19 14.42
CA ARG A 450 2.27 13.25 14.90
C ARG A 450 1.51 14.47 15.41
N TYR A 451 0.23 14.59 15.05
CA TYR A 451 -0.59 15.75 15.41
C TYR A 451 -1.40 15.50 16.68
N GLY A 452 -0.78 14.93 17.69
CA GLY A 452 -1.47 14.71 18.95
C GLY A 452 -2.47 13.58 18.92
N GLY A 453 -2.21 12.56 18.10
CA GLY A 453 -3.12 11.44 17.98
C GLY A 453 -3.23 10.62 19.25
N LYS A 454 -4.45 10.55 19.80
CA LYS A 454 -4.71 9.75 20.99
C LYS A 454 -5.63 8.58 20.73
N ARG A 455 -6.32 8.54 19.60
CA ARG A 455 -7.13 7.41 19.19
C ARG A 455 -6.77 7.06 17.76
N CYS A 456 -6.44 5.79 17.53
CA CYS A 456 -6.08 5.32 16.19
C CYS A 456 -6.83 4.03 15.92
N ILE A 457 -7.75 4.07 14.97
CA ILE A 457 -8.53 2.90 14.57
C ILE A 457 -7.98 2.42 13.24
N MET A 458 -7.32 1.26 13.25
CA MET A 458 -6.72 0.68 12.07
C MET A 458 -7.61 -0.44 11.55
N VAL A 459 -8.02 -0.33 10.28
CA VAL A 459 -8.91 -1.30 9.64
C VAL A 459 -8.10 -2.02 8.56
N GLY A 460 -8.03 -3.34 8.65
CA GLY A 460 -7.23 -4.07 7.68
C GLY A 460 -7.57 -5.55 7.61
N ASP A 461 -6.86 -6.23 6.71
CA ASP A 461 -6.99 -7.68 6.51
C ASP A 461 -5.62 -8.32 6.72
N PRO A 462 -5.33 -8.88 7.88
CA PRO A 462 -3.98 -9.45 8.12
C PRO A 462 -3.72 -10.73 7.35
N ASN A 463 -4.75 -11.36 6.80
CA ASN A 463 -4.59 -12.64 6.10
C ASN A 463 -4.27 -12.44 4.62
N GLN A 464 -3.36 -11.52 4.33
CA GLN A 464 -2.85 -11.33 2.98
C GLN A 464 -1.34 -11.27 3.03
N LEU A 465 -0.72 -11.22 1.85
CA LEU A 465 0.73 -11.15 1.80
C LEU A 465 1.20 -9.78 2.28
N PRO A 466 2.34 -9.71 2.95
CA PRO A 466 2.78 -8.43 3.52
C PRO A 466 3.07 -7.43 2.42
N PRO A 467 3.10 -6.14 2.74
CA PRO A 467 3.37 -5.13 1.71
C PRO A 467 4.76 -5.31 1.10
N THR A 468 4.85 -5.07 -0.20
CA THR A 468 6.10 -5.34 -0.91
C THR A 468 7.14 -4.27 -0.56
N VAL A 469 8.34 -4.73 -0.18
CA VAL A 469 9.48 -3.84 0.01
C VAL A 469 10.52 -4.22 -1.03
N LEU A 470 11.37 -3.25 -1.38
CA LEU A 470 12.39 -3.51 -2.38
C LEU A 470 13.53 -4.37 -1.86
N SER A 471 13.82 -4.32 -0.56
CA SER A 471 15.01 -4.96 0.00
C SER A 471 14.63 -6.32 0.56
N GLY A 472 15.09 -7.38 -0.12
CA GLY A 472 14.85 -8.72 0.39
C GLY A 472 15.46 -8.94 1.76
N ALA A 473 16.64 -8.34 2.00
CA ALA A 473 17.28 -8.45 3.31
C ALA A 473 16.45 -7.77 4.39
N ALA A 474 16.00 -6.54 4.12
CA ALA A 474 15.14 -5.83 5.06
C ALA A 474 13.89 -6.64 5.37
N SER A 475 13.26 -7.21 4.33
CA SER A 475 12.11 -8.08 4.58
C SER A 475 12.49 -9.31 5.38
N ASN A 476 13.70 -9.84 5.18
CA ASN A 476 14.16 -10.96 5.98
C ASN A 476 14.28 -10.57 7.45
N PHE A 477 14.52 -9.29 7.72
CA PHE A 477 14.49 -8.80 9.10
C PHE A 477 13.10 -8.37 9.55
N LYS A 478 12.06 -8.77 8.81
CA LYS A 478 10.66 -8.51 9.18
C LYS A 478 10.31 -7.02 9.08
N TYR A 479 10.99 -6.29 8.19
CA TYR A 479 10.65 -4.89 7.97
C TYR A 479 9.34 -4.74 7.20
N ASN A 480 8.90 -5.79 6.50
CA ASN A 480 7.68 -5.77 5.71
C ASN A 480 6.43 -6.09 6.52
N GLN A 481 6.47 -5.89 7.83
CA GLN A 481 5.37 -6.26 8.72
C GLN A 481 4.69 -5.01 9.24
N SER A 482 3.36 -4.99 9.19
CA SER A 482 2.61 -3.81 9.58
C SER A 482 2.42 -3.76 11.10
N LEU A 483 2.24 -2.54 11.60
CA LEU A 483 1.89 -2.35 13.00
C LEU A 483 0.61 -3.10 13.34
N PHE A 484 -0.33 -3.16 12.39
CA PHE A 484 -1.55 -3.93 12.59
C PHE A 484 -1.23 -5.37 12.95
N VAL A 485 -0.34 -6.01 12.19
CA VAL A 485 -0.02 -7.42 12.44
C VAL A 485 0.73 -7.57 13.76
N ARG A 486 1.76 -6.73 13.96
CA ARG A 486 2.52 -6.82 15.21
C ARG A 486 1.62 -6.64 16.42
N MET A 487 0.59 -5.80 16.32
CA MET A 487 -0.36 -5.68 17.42
C MET A 487 -1.34 -6.84 17.47
N GLU A 488 -1.72 -7.39 16.31
CA GLU A 488 -2.58 -8.56 16.25
C GLU A 488 -1.98 -9.72 17.01
N LYS A 489 -0.64 -9.80 17.07
CA LYS A 489 0.00 -10.83 17.88
C LYS A 489 -0.49 -10.81 19.33
N ASN A 490 -0.89 -9.65 19.85
CA ASN A 490 -1.18 -9.51 21.26
C ASN A 490 -2.65 -9.25 21.60
N SER A 491 -3.52 -9.10 20.60
CA SER A 491 -4.91 -8.77 20.90
C SER A 491 -5.79 -9.26 19.76
N SER A 492 -7.06 -9.52 20.10
CA SER A 492 -8.02 -10.01 19.11
C SER A 492 -8.77 -8.84 18.49
N PRO A 493 -8.69 -8.65 17.18
CA PRO A 493 -9.36 -7.50 16.57
C PRO A 493 -10.88 -7.68 16.54
N TYR A 494 -11.56 -6.58 16.26
CA TYR A 494 -13.00 -6.62 16.02
C TYR A 494 -13.23 -7.18 14.62
N LEU A 495 -13.80 -8.37 14.54
CA LEU A 495 -13.93 -9.07 13.28
C LEU A 495 -15.23 -8.68 12.59
N LEU A 496 -15.13 -8.29 11.32
CA LEU A 496 -16.28 -8.13 10.46
C LEU A 496 -16.54 -9.48 9.81
N ASP A 497 -17.71 -10.06 10.07
CA ASP A 497 -17.89 -11.50 9.88
C ASP A 497 -18.95 -11.84 8.84
N VAL A 498 -19.26 -10.94 7.90
CA VAL A 498 -20.18 -11.24 6.81
C VAL A 498 -19.55 -10.74 5.53
N GLN A 499 -19.34 -11.63 4.57
CA GLN A 499 -18.77 -11.28 3.27
C GLN A 499 -19.87 -11.12 2.23
N TYR A 500 -19.72 -10.14 1.34
CA TYR A 500 -20.75 -9.80 0.37
C TYR A 500 -20.21 -9.89 -1.06
N ARG A 501 -19.29 -10.82 -1.31
CA ARG A 501 -18.65 -10.96 -2.61
C ARG A 501 -18.89 -12.32 -3.24
N MET A 502 -18.65 -13.40 -2.49
CA MET A 502 -18.43 -14.71 -3.08
C MET A 502 -19.68 -15.59 -3.01
N HIS A 503 -19.76 -16.52 -3.95
CA HIS A 503 -20.74 -17.58 -3.90
C HIS A 503 -20.53 -18.41 -2.65
N PRO A 504 -21.60 -18.89 -2.01
CA PRO A 504 -21.42 -19.65 -0.75
C PRO A 504 -20.53 -20.88 -0.90
N SER A 505 -20.62 -21.57 -2.04
CA SER A 505 -19.71 -22.69 -2.26
C SER A 505 -18.26 -22.24 -2.30
N ILE A 506 -18.02 -20.98 -2.69
CA ILE A 506 -16.66 -20.46 -2.72
C ILE A 506 -16.22 -19.94 -1.35
N SER A 507 -17.13 -19.42 -0.54
CA SER A 507 -16.77 -18.93 0.79
C SER A 507 -16.72 -20.04 1.83
N LYS A 508 -17.27 -21.22 1.54
CA LYS A 508 -17.42 -22.27 2.55
C LYS A 508 -16.08 -22.65 3.17
N PHE A 509 -15.14 -23.12 2.34
CA PHE A 509 -13.88 -23.63 2.89
C PHE A 509 -12.99 -22.55 3.47
N PRO A 510 -12.87 -21.36 2.85
CA PRO A 510 -12.17 -20.27 3.55
C PRO A 510 -12.71 -20.04 4.96
N SER A 511 -14.03 -19.98 5.13
CA SER A 511 -14.59 -19.75 6.45
C SER A 511 -14.20 -20.84 7.44
N SER A 512 -14.39 -22.10 7.05
CA SER A 512 -14.12 -23.21 7.96
C SER A 512 -12.62 -23.33 8.26
N GLU A 513 -11.79 -23.03 7.27
CA GLU A 513 -10.36 -23.27 7.43
C GLU A 513 -9.65 -22.12 8.16
N PHE A 514 -10.12 -20.89 7.98
CA PHE A 514 -9.41 -19.73 8.52
C PHE A 514 -10.17 -18.94 9.58
N TYR A 515 -11.50 -19.08 9.67
CA TYR A 515 -12.28 -18.24 10.58
C TYR A 515 -13.21 -19.08 11.44
N GLN A 516 -12.83 -20.33 11.73
CA GLN A 516 -13.59 -21.20 12.63
C GLN A 516 -15.02 -21.43 12.14
N GLY A 517 -15.21 -21.35 10.83
CA GLY A 517 -16.55 -21.41 10.29
C GLY A 517 -17.47 -20.31 10.77
N ARG A 518 -16.92 -19.17 11.19
CA ARG A 518 -17.73 -18.06 11.68
C ARG A 518 -17.89 -16.93 10.69
N LEU A 519 -17.23 -17.00 9.53
CA LEU A 519 -17.40 -15.99 8.50
C LEU A 519 -18.66 -16.31 7.70
N LYS A 520 -19.66 -15.42 7.79
CA LYS A 520 -20.96 -15.62 7.17
C LYS A 520 -21.01 -15.08 5.76
N ASP A 521 -22.07 -15.46 5.04
CA ASP A 521 -22.38 -14.91 3.73
C ASP A 521 -23.49 -13.89 3.84
N GLY A 522 -23.40 -12.83 3.05
CA GLY A 522 -24.49 -11.89 2.94
C GLY A 522 -25.70 -12.56 2.32
N PRO A 523 -26.89 -12.03 2.59
CA PRO A 523 -28.10 -12.64 2.04
C PRO A 523 -28.10 -12.63 0.52
N GLY A 524 -28.37 -13.79 -0.07
CA GLY A 524 -28.53 -13.88 -1.50
C GLY A 524 -27.25 -13.94 -2.29
N MET A 525 -26.14 -14.35 -1.69
CA MET A 525 -24.91 -14.53 -2.46
C MET A 525 -25.09 -15.58 -3.55
N ASP A 526 -25.88 -16.62 -3.25
CA ASP A 526 -26.13 -17.67 -4.24
C ASP A 526 -26.88 -17.11 -5.45
N ILE A 527 -27.80 -16.18 -5.21
CA ILE A 527 -28.52 -15.55 -6.31
C ILE A 527 -27.60 -14.60 -7.07
N LEU A 528 -26.88 -13.74 -6.34
CA LEU A 528 -26.02 -12.75 -6.97
C LEU A 528 -24.96 -13.40 -7.86
N ASN A 529 -24.39 -14.51 -7.41
CA ASN A 529 -23.27 -15.12 -8.11
C ASN A 529 -23.68 -16.36 -8.91
N LYS A 530 -24.97 -16.55 -9.14
CA LYS A 530 -25.42 -17.63 -10.00
C LYS A 530 -25.12 -17.28 -11.46
N ARG A 531 -24.57 -18.24 -12.19
CA ARG A 531 -24.13 -18.00 -13.55
C ARG A 531 -24.54 -19.16 -14.43
N PRO A 532 -24.85 -18.89 -15.71
CA PRO A 532 -25.37 -19.95 -16.58
C PRO A 532 -24.47 -21.18 -16.69
N TRP A 533 -23.16 -20.99 -16.83
CA TRP A 533 -22.27 -22.12 -16.98
C TRP A 533 -22.29 -23.05 -15.76
N HIS A 534 -22.80 -22.57 -14.62
CA HIS A 534 -22.95 -23.42 -13.46
C HIS A 534 -23.84 -24.64 -13.74
N GLN A 535 -24.70 -24.56 -14.76
CA GLN A 535 -25.55 -25.69 -15.10
C GLN A 535 -24.80 -26.81 -15.81
N LEU A 536 -23.58 -26.57 -16.27
CA LEU A 536 -22.82 -27.58 -17.02
C LEU A 536 -21.65 -28.06 -16.18
N GLU A 537 -21.69 -29.32 -15.77
CA GLU A 537 -20.51 -29.92 -15.18
C GLU A 537 -19.38 -29.90 -16.20
N PRO A 538 -18.14 -29.64 -15.77
CA PRO A 538 -17.75 -29.35 -14.38
C PRO A 538 -17.53 -27.87 -14.10
N LEU A 539 -18.22 -27.01 -14.84
CA LEU A 539 -18.06 -25.56 -14.66
C LEU A 539 -18.87 -25.08 -13.46
N ALA A 540 -18.68 -25.72 -12.32
CA ALA A 540 -19.45 -25.45 -11.11
C ALA A 540 -18.94 -24.21 -10.40
N PRO A 541 -19.67 -23.69 -9.41
CA PRO A 541 -19.14 -22.56 -8.64
C PRO A 541 -17.84 -22.87 -7.92
N TYR A 542 -17.67 -24.10 -7.45
CA TYR A 542 -16.47 -24.50 -6.70
C TYR A 542 -16.08 -25.90 -7.14
N LYS A 543 -14.84 -26.08 -7.59
CA LYS A 543 -14.41 -27.43 -7.95
C LYS A 543 -12.90 -27.57 -7.78
N PHE A 544 -12.48 -28.71 -7.26
CA PHE A 544 -11.08 -29.12 -7.29
C PHE A 544 -10.93 -30.21 -8.33
N PHE A 545 -10.06 -29.97 -9.32
CA PHE A 545 -9.74 -30.93 -10.36
C PHE A 545 -8.44 -31.64 -9.99
N ASP A 546 -8.57 -32.89 -9.55
CA ASP A 546 -7.42 -33.75 -9.30
C ASP A 546 -6.91 -34.25 -10.64
N ILE A 547 -5.70 -33.81 -11.00
CA ILE A 547 -5.12 -34.12 -12.30
C ILE A 547 -4.41 -35.46 -12.20
N ILE A 548 -4.87 -36.44 -12.98
CA ILE A 548 -4.32 -37.78 -12.98
C ILE A 548 -3.30 -37.86 -14.12
N SER A 549 -2.02 -37.66 -13.78
CA SER A 549 -0.95 -37.73 -14.77
C SER A 549 0.36 -38.13 -14.11
N MET A 559 11.43 -32.33 -9.04
CA MET A 559 11.11 -31.15 -8.23
C MET A 559 11.05 -29.87 -9.06
N SER A 560 10.08 -29.80 -9.97
CA SER A 560 9.90 -28.67 -10.89
C SER A 560 8.80 -27.73 -10.41
N TYR A 561 8.79 -26.54 -10.99
CA TYR A 561 7.85 -25.48 -10.63
C TYR A 561 6.83 -25.20 -11.74
N THR A 562 6.64 -26.14 -12.67
CA THR A 562 5.69 -25.99 -13.76
C THR A 562 4.94 -27.30 -13.97
N ASN A 563 3.77 -27.22 -14.61
CA ASN A 563 2.98 -28.43 -14.87
C ASN A 563 2.18 -28.26 -16.15
N MET A 564 2.68 -28.89 -17.22
CA MET A 564 2.03 -28.80 -18.53
C MET A 564 0.62 -29.38 -18.49
N GLU A 565 0.40 -30.41 -17.67
CA GLU A 565 -0.91 -31.06 -17.67
C GLU A 565 -1.96 -30.20 -16.98
N GLU A 566 -1.57 -29.52 -15.89
CA GLU A 566 -2.46 -28.52 -15.31
C GLU A 566 -2.75 -27.42 -16.32
N ILE A 567 -1.72 -26.98 -17.05
CA ILE A 567 -1.95 -25.96 -18.08
C ILE A 567 -2.96 -26.45 -19.12
N ARG A 568 -2.82 -27.70 -19.57
CA ARG A 568 -3.72 -28.23 -20.59
C ARG A 568 -5.14 -28.34 -20.06
N VAL A 569 -5.30 -28.76 -18.80
CA VAL A 569 -6.65 -28.87 -18.25
C VAL A 569 -7.29 -27.49 -18.13
N ALA A 570 -6.50 -26.47 -17.74
CA ALA A 570 -7.03 -25.11 -17.70
C ALA A 570 -7.48 -24.66 -19.08
N ILE A 571 -6.63 -24.89 -20.08
CA ILE A 571 -6.97 -24.55 -21.47
C ILE A 571 -8.27 -25.22 -21.87
N GLU A 572 -8.44 -26.51 -21.56
CA GLU A 572 -9.62 -27.22 -22.02
C GLU A 572 -10.88 -26.77 -21.26
N LEU A 573 -10.75 -26.46 -19.98
CA LEU A 573 -11.87 -25.88 -19.24
C LEU A 573 -12.31 -24.56 -19.86
N VAL A 574 -11.36 -23.67 -20.11
CA VAL A 574 -11.71 -22.37 -20.68
C VAL A 574 -12.30 -22.55 -22.09
N ASP A 575 -11.77 -23.52 -22.85
CA ASP A 575 -12.27 -23.76 -24.20
C ASP A 575 -13.70 -24.29 -24.18
N TYR A 576 -14.01 -25.20 -23.25
CA TYR A 576 -15.37 -25.69 -23.11
C TYR A 576 -16.31 -24.56 -22.73
N LEU A 577 -15.88 -23.72 -21.78
CA LEU A 577 -16.70 -22.59 -21.36
C LEU A 577 -17.01 -21.67 -22.54
N PHE A 578 -15.97 -21.33 -23.32
CA PHE A 578 -16.14 -20.45 -24.47
C PHE A 578 -17.08 -21.07 -25.50
N ARG A 579 -16.78 -22.31 -25.90
CA ARG A 579 -17.62 -23.01 -26.89
C ARG A 579 -19.08 -23.03 -26.47
N LYS A 580 -19.34 -23.21 -25.18
CA LYS A 580 -20.72 -23.33 -24.75
C LYS A 580 -21.41 -21.98 -24.52
N PHE A 581 -20.67 -20.90 -24.28
CA PHE A 581 -21.36 -19.69 -23.84
C PHE A 581 -20.94 -18.37 -24.47
N ASP A 582 -19.86 -18.28 -25.25
CA ASP A 582 -19.41 -16.95 -25.67
C ASP A 582 -20.21 -16.37 -26.82
N ASN A 583 -21.28 -17.04 -27.25
CA ASN A 583 -22.27 -16.40 -28.12
C ASN A 583 -23.44 -15.84 -27.32
N LYS A 584 -23.46 -16.03 -26.00
CA LYS A 584 -24.46 -15.43 -25.12
C LYS A 584 -23.85 -14.57 -24.03
N ILE A 585 -22.57 -14.76 -23.71
CA ILE A 585 -21.92 -14.06 -22.60
C ILE A 585 -20.60 -13.47 -23.10
N ASP A 586 -20.36 -12.21 -22.76
CA ASP A 586 -19.09 -11.56 -23.05
C ASP A 586 -18.14 -11.80 -21.87
N PHE A 587 -17.05 -12.53 -22.13
CA PHE A 587 -16.09 -12.87 -21.09
C PHE A 587 -14.98 -11.84 -20.95
N THR A 588 -15.19 -10.61 -21.46
CA THR A 588 -14.20 -9.58 -21.28
C THR A 588 -14.02 -9.27 -19.80
N GLY A 589 -12.79 -9.42 -19.31
CA GLY A 589 -12.48 -9.07 -17.95
C GLY A 589 -13.09 -9.98 -16.91
N LYS A 590 -13.55 -11.17 -17.32
CA LYS A 590 -14.24 -12.11 -16.43
C LYS A 590 -13.33 -13.17 -15.82
N ILE A 591 -12.15 -13.43 -16.40
CA ILE A 591 -11.37 -14.60 -16.05
C ILE A 591 -9.98 -14.20 -15.57
N GLY A 592 -9.54 -14.83 -14.50
CA GLY A 592 -8.15 -14.73 -14.07
C GLY A 592 -7.58 -16.10 -13.80
N ILE A 593 -6.29 -16.24 -14.10
CA ILE A 593 -5.55 -17.48 -13.89
C ILE A 593 -4.31 -17.16 -13.05
N ILE A 594 -4.17 -17.86 -11.93
CA ILE A 594 -3.12 -17.59 -10.96
C ILE A 594 -2.45 -18.89 -10.53
N SER A 595 -1.23 -18.74 -10.02
CA SER A 595 -0.43 -19.84 -9.52
C SER A 595 0.58 -19.28 -8.54
N PRO A 596 1.08 -20.10 -7.61
CA PRO A 596 2.14 -19.61 -6.71
C PRO A 596 3.43 -19.26 -7.43
N TYR A 597 3.69 -19.82 -8.62
CA TYR A 597 5.01 -19.78 -9.22
C TYR A 597 4.99 -19.04 -10.56
N ARG A 598 5.90 -18.08 -10.69
CA ARG A 598 5.97 -17.27 -11.90
C ARG A 598 6.42 -18.08 -13.10
N GLU A 599 7.22 -19.12 -12.90
CA GLU A 599 7.58 -19.99 -14.02
C GLU A 599 6.33 -20.67 -14.60
N GLN A 600 5.50 -21.23 -13.72
CA GLN A 600 4.25 -21.85 -14.19
C GLN A 600 3.33 -20.82 -14.82
N MET A 601 3.34 -19.58 -14.30
CA MET A 601 2.47 -18.58 -14.89
C MET A 601 2.96 -18.10 -16.25
N GLN A 602 4.28 -17.99 -16.42
CA GLN A 602 4.85 -17.70 -17.74
C GLN A 602 4.47 -18.78 -18.74
N LYS A 603 4.64 -20.06 -18.36
CA LYS A 603 4.27 -21.14 -19.27
C LYS A 603 2.78 -21.16 -19.56
N MET A 604 1.96 -20.84 -18.55
CA MET A 604 0.51 -20.77 -18.73
C MET A 604 0.14 -19.70 -19.75
N ARG A 605 0.68 -18.50 -19.58
CA ARG A 605 0.41 -17.42 -20.54
C ARG A 605 0.87 -17.81 -21.94
N LYS A 606 2.05 -18.42 -22.05
CA LYS A 606 2.56 -18.81 -23.37
C LYS A 606 1.62 -19.80 -24.05
N GLU A 607 1.21 -20.85 -23.32
CA GLU A 607 0.36 -21.89 -23.92
C GLU A 607 -1.04 -21.35 -24.23
N PHE A 608 -1.59 -20.51 -23.35
CA PHE A 608 -2.89 -19.92 -23.64
C PHE A 608 -2.83 -19.03 -24.88
N ALA A 609 -1.74 -18.24 -25.00
CA ALA A 609 -1.57 -17.40 -26.18
C ALA A 609 -1.50 -18.26 -27.44
N ARG A 610 -0.69 -19.33 -27.42
CA ARG A 610 -0.59 -20.18 -28.59
C ARG A 610 -1.93 -20.81 -28.95
N TYR A 611 -2.67 -21.29 -27.95
CA TYR A 611 -3.88 -22.06 -28.26
C TYR A 611 -5.03 -21.15 -28.72
N PHE A 612 -5.23 -20.01 -28.05
CA PHE A 612 -6.39 -19.17 -28.32
C PHE A 612 -6.13 -17.99 -29.23
N GLY A 613 -4.87 -17.61 -29.45
CA GLY A 613 -4.63 -16.41 -30.21
C GLY A 613 -4.88 -15.17 -29.36
N GLY A 614 -4.89 -14.02 -30.03
CA GLY A 614 -5.07 -12.78 -29.32
C GLY A 614 -6.45 -12.58 -28.73
N MET A 615 -7.42 -13.38 -29.15
CA MET A 615 -8.81 -13.14 -28.75
C MET A 615 -9.05 -13.30 -27.25
N ILE A 616 -8.08 -13.83 -26.50
CA ILE A 616 -8.23 -13.95 -25.06
C ILE A 616 -7.59 -12.79 -24.30
N ASN A 617 -6.98 -11.83 -24.99
CA ASN A 617 -6.24 -10.78 -24.30
C ASN A 617 -7.13 -10.03 -23.33
N LYS A 618 -8.35 -9.72 -23.74
CA LYS A 618 -9.28 -8.97 -22.91
C LYS A 618 -10.15 -9.86 -22.05
N SER A 619 -9.97 -11.18 -22.12
CA SER A 619 -10.78 -12.12 -21.35
C SER A 619 -10.07 -12.65 -20.11
N ILE A 620 -8.76 -12.89 -20.18
CA ILE A 620 -8.03 -13.59 -19.14
C ILE A 620 -6.85 -12.74 -18.69
N ASP A 621 -6.81 -12.42 -17.40
CA ASP A 621 -5.61 -11.92 -16.77
C ASP A 621 -4.80 -13.10 -16.25
N PHE A 622 -3.49 -13.00 -16.37
CA PHE A 622 -2.58 -14.02 -15.84
C PHE A 622 -1.69 -13.38 -14.80
N ASN A 623 -1.52 -14.05 -13.66
CA ASN A 623 -0.57 -13.53 -12.69
C ASN A 623 -0.29 -14.60 -11.65
N THR A 624 0.71 -14.34 -10.82
CA THR A 624 0.92 -15.16 -9.64
C THR A 624 -0.12 -14.80 -8.58
N ILE A 625 -0.22 -15.65 -7.56
CA ILE A 625 -1.09 -15.32 -6.43
C ILE A 625 -0.64 -14.03 -5.79
N ASP A 626 0.67 -13.82 -5.67
CA ASP A 626 1.17 -12.59 -5.07
C ASP A 626 0.79 -11.38 -5.91
N GLY A 627 0.97 -11.46 -7.23
CA GLY A 627 0.72 -10.32 -8.09
C GLY A 627 -0.75 -9.99 -8.27
N PHE A 628 -1.63 -10.93 -7.94
CA PHE A 628 -3.06 -10.76 -8.12
C PHE A 628 -3.77 -10.32 -6.86
N GLN A 629 -3.02 -9.95 -5.81
CA GLN A 629 -3.60 -9.79 -4.48
C GLN A 629 -4.70 -8.74 -4.47
N GLY A 630 -4.54 -7.66 -5.21
CA GLY A 630 -5.57 -6.64 -5.19
C GLY A 630 -6.66 -6.79 -6.22
N GLN A 631 -6.69 -7.86 -7.00
CA GLN A 631 -7.64 -8.01 -8.07
C GLN A 631 -8.67 -9.08 -7.74
N GLU A 632 -9.75 -9.11 -8.52
CA GLU A 632 -10.80 -10.11 -8.39
C GLU A 632 -11.46 -10.31 -9.75
N LYS A 633 -11.99 -11.52 -9.96
CA LYS A 633 -12.64 -11.88 -11.21
C LYS A 633 -13.91 -12.66 -10.90
N GLU A 634 -14.76 -12.82 -11.92
CA GLU A 634 -15.90 -13.71 -11.76
C GLU A 634 -15.47 -15.17 -11.81
N ILE A 635 -14.44 -15.48 -12.59
CA ILE A 635 -13.93 -16.83 -12.74
C ILE A 635 -12.43 -16.82 -12.46
N ILE A 636 -11.98 -17.73 -11.60
CA ILE A 636 -10.57 -17.86 -11.26
C ILE A 636 -10.16 -19.31 -11.38
N LEU A 637 -9.08 -19.57 -12.11
CA LEU A 637 -8.45 -20.88 -12.17
C LEU A 637 -7.11 -20.82 -11.48
N ILE A 638 -6.88 -21.75 -10.56
CA ILE A 638 -5.63 -21.83 -9.80
C ILE A 638 -4.85 -23.06 -10.27
N SER A 639 -3.60 -22.85 -10.62
CA SER A 639 -2.67 -23.94 -10.91
C SER A 639 -1.79 -24.11 -9.69
N CYS A 640 -1.98 -25.21 -8.97
CA CYS A 640 -1.27 -25.42 -7.70
C CYS A 640 0.15 -25.91 -7.93
N VAL A 641 0.35 -26.73 -8.98
CA VAL A 641 1.65 -27.31 -9.34
C VAL A 641 2.09 -28.31 -8.27
N ARG A 642 2.49 -27.81 -7.09
CA ARG A 642 3.01 -28.66 -6.03
C ARG A 642 3.03 -27.87 -4.72
N ALA A 643 3.23 -28.60 -3.62
CA ALA A 643 3.33 -28.00 -2.28
C ALA A 643 4.79 -27.76 -1.88
N LYS A 647 7.49 -25.93 5.62
CA LYS A 647 8.86 -26.22 6.00
C LYS A 647 9.21 -25.62 7.36
N SER A 648 8.93 -24.33 7.53
CA SER A 648 9.19 -23.60 8.76
C SER A 648 7.93 -22.85 9.17
N SER A 649 8.02 -22.09 10.28
CA SER A 649 6.88 -21.27 10.68
C SER A 649 6.67 -20.10 9.74
N VAL A 650 7.76 -19.44 9.34
CA VAL A 650 7.69 -18.38 8.33
C VAL A 650 7.08 -18.94 7.04
N GLY A 651 7.50 -20.14 6.66
CA GLY A 651 6.98 -20.75 5.44
C GLY A 651 5.50 -21.06 5.54
N PHE A 652 5.08 -21.63 6.66
CA PHE A 652 3.66 -21.91 6.85
C PHE A 652 2.83 -20.62 6.86
N LEU A 653 3.36 -19.56 7.45
CA LEU A 653 2.65 -18.28 7.44
C LEU A 653 2.49 -17.76 6.03
N LYS A 654 3.56 -17.81 5.23
CA LYS A 654 3.46 -17.34 3.85
C LYS A 654 2.46 -18.19 3.05
N ASP A 655 2.47 -19.52 3.26
CA ASP A 655 1.52 -20.37 2.55
C ASP A 655 0.08 -20.11 3.00
N PHE A 656 -0.11 -19.87 4.30
CA PHE A 656 -1.43 -19.53 4.83
C PHE A 656 -1.96 -18.26 4.17
N ARG A 657 -1.13 -17.22 4.10
CA ARG A 657 -1.55 -15.99 3.47
C ARG A 657 -1.81 -16.18 1.97
N ARG A 658 -0.95 -16.94 1.29
CA ARG A 658 -1.14 -17.15 -0.14
C ARG A 658 -2.46 -17.87 -0.41
N MET A 659 -2.80 -18.85 0.42
CA MET A 659 -4.05 -19.57 0.21
C MET A 659 -5.25 -18.69 0.52
N ASN A 660 -5.18 -17.90 1.61
CA ASN A 660 -6.24 -16.94 1.89
C ASN A 660 -6.48 -16.01 0.70
N VAL A 661 -5.41 -15.54 0.08
CA VAL A 661 -5.56 -14.64 -1.06
C VAL A 661 -6.15 -15.41 -2.25
N ALA A 662 -5.55 -16.54 -2.61
CA ALA A 662 -5.93 -17.24 -3.83
C ALA A 662 -7.39 -17.69 -3.78
N LEU A 663 -7.84 -18.20 -2.63
CA LEU A 663 -9.18 -18.74 -2.57
C LEU A 663 -10.27 -17.67 -2.51
N THR A 664 -9.92 -16.40 -2.40
CA THR A 664 -10.90 -15.33 -2.32
C THR A 664 -10.86 -14.41 -3.54
N ARG A 665 -10.18 -14.81 -4.61
CA ARG A 665 -10.10 -13.97 -5.80
C ARG A 665 -11.32 -14.10 -6.71
N ALA A 666 -12.11 -15.17 -6.58
CA ALA A 666 -13.24 -15.38 -7.46
C ALA A 666 -14.54 -15.02 -6.77
N LYS A 667 -15.53 -14.62 -7.58
CA LYS A 667 -16.86 -14.27 -7.09
C LYS A 667 -17.91 -15.32 -7.43
N THR A 668 -17.86 -15.90 -8.64
CA THR A 668 -18.88 -16.84 -9.08
C THR A 668 -18.36 -18.25 -9.30
N SER A 669 -17.11 -18.43 -9.70
CA SER A 669 -16.59 -19.75 -10.00
C SER A 669 -15.10 -19.80 -9.70
N ILE A 670 -14.66 -20.86 -9.04
CA ILE A 670 -13.24 -21.10 -8.82
C ILE A 670 -12.95 -22.58 -9.07
N TRP A 671 -11.93 -22.83 -9.89
CA TRP A 671 -11.55 -24.16 -10.35
C TRP A 671 -10.07 -24.36 -10.00
N VAL A 672 -9.82 -25.18 -8.98
CA VAL A 672 -8.51 -25.39 -8.40
C VAL A 672 -7.91 -26.65 -9.02
N LEU A 673 -6.87 -26.51 -9.82
CA LEU A 673 -6.27 -27.63 -10.53
C LEU A 673 -5.02 -28.08 -9.80
N GLY A 674 -4.92 -29.37 -9.50
CA GLY A 674 -3.73 -29.82 -8.80
C GLY A 674 -3.58 -31.32 -8.76
N HIS A 675 -2.39 -31.76 -8.38
CA HIS A 675 -2.09 -33.15 -8.12
C HIS A 675 -2.26 -33.44 -6.64
N GLN A 676 -3.18 -34.36 -6.31
CA GLN A 676 -3.52 -34.60 -4.91
C GLN A 676 -2.30 -35.10 -4.12
N ARG A 677 -1.56 -36.05 -4.68
CA ARG A 677 -0.38 -36.55 -3.97
C ARG A 677 0.73 -35.50 -3.91
N SER A 678 0.84 -34.66 -4.93
CA SER A 678 1.87 -33.61 -4.91
C SER A 678 1.52 -32.49 -3.95
N LEU A 679 0.25 -32.38 -3.53
CA LEU A 679 -0.15 -31.32 -2.62
C LEU A 679 -0.39 -31.77 -1.19
N ALA A 680 -0.72 -33.05 -0.98
CA ALA A 680 -1.20 -33.50 0.32
C ALA A 680 -0.14 -33.41 1.42
N LYS A 681 1.13 -33.17 1.08
CA LYS A 681 2.13 -32.96 2.12
C LYS A 681 1.92 -31.66 2.88
N SER A 682 1.06 -30.78 2.39
CA SER A 682 0.69 -29.56 3.10
C SER A 682 -0.66 -29.75 3.78
N LYS A 683 -0.74 -29.38 5.06
CA LYS A 683 -1.99 -29.52 5.79
C LYS A 683 -3.09 -28.72 5.12
N LEU A 684 -2.79 -27.49 4.67
CA LEU A 684 -3.80 -26.64 4.05
C LEU A 684 -4.37 -27.29 2.81
N TRP A 685 -3.50 -27.80 1.93
CA TRP A 685 -3.97 -28.40 0.69
C TRP A 685 -4.69 -29.72 0.94
N ARG A 686 -4.20 -30.53 1.88
CA ARG A 686 -4.90 -31.77 2.19
C ARG A 686 -6.29 -31.48 2.77
N ASP A 687 -6.39 -30.48 3.65
CA ASP A 687 -7.68 -30.06 4.16
C ASP A 687 -8.60 -29.64 3.01
N LEU A 688 -8.08 -28.84 2.08
CA LEU A 688 -8.91 -28.38 0.97
C LEU A 688 -9.40 -29.55 0.12
N ILE A 689 -8.50 -30.46 -0.23
CA ILE A 689 -8.87 -31.58 -1.10
C ILE A 689 -9.88 -32.49 -0.41
N GLU A 690 -9.67 -32.78 0.88
CA GLU A 690 -10.60 -33.66 1.58
C GLU A 690 -11.93 -32.97 1.81
N ASP A 691 -11.93 -31.66 2.04
CA ASP A 691 -13.18 -30.91 2.13
C ASP A 691 -13.95 -30.97 0.82
N ALA A 692 -13.24 -30.81 -0.31
CA ALA A 692 -13.89 -30.93 -1.62
C ALA A 692 -14.48 -32.32 -1.81
N LYS A 693 -13.75 -33.36 -1.39
CA LYS A 693 -14.29 -34.71 -1.44
C LYS A 693 -15.57 -34.82 -0.61
N ASP A 694 -15.52 -34.41 0.65
CA ASP A 694 -16.69 -34.51 1.52
C ASP A 694 -17.87 -33.77 0.92
N ARG A 695 -17.62 -32.67 0.23
CA ARG A 695 -18.69 -31.87 -0.34
C ARG A 695 -19.05 -32.28 -1.77
N SER A 696 -18.47 -33.37 -2.26
CA SER A 696 -18.70 -33.84 -3.64
C SER A 696 -18.29 -32.79 -4.66
N CYS A 697 -17.25 -32.01 -4.36
CA CYS A 697 -16.75 -30.97 -5.26
C CYS A 697 -15.37 -31.31 -5.82
N LEU A 698 -15.01 -32.59 -5.85
CA LEU A 698 -13.77 -33.05 -6.45
C LEU A 698 -14.09 -33.80 -7.74
N ALA A 699 -13.40 -33.45 -8.81
CA ALA A 699 -13.53 -34.13 -10.08
C ALA A 699 -12.15 -34.55 -10.56
N TYR A 700 -12.07 -35.73 -11.18
CA TYR A 700 -10.83 -36.20 -11.77
C TYR A 700 -10.71 -35.69 -13.19
N ALA A 701 -9.49 -35.28 -13.56
CA ALA A 701 -9.26 -34.60 -14.82
C ALA A 701 -7.91 -35.01 -15.41
N CYS A 702 -7.86 -34.95 -16.74
CA CYS A 702 -6.63 -35.09 -17.53
C CYS A 702 -6.91 -34.50 -18.90
N SER A 703 -5.85 -34.34 -19.69
CA SER A 703 -5.99 -33.75 -21.02
C SER A 703 -6.96 -34.57 -21.86
N GLY A 704 -8.07 -33.94 -22.27
CA GLY A 704 -9.11 -34.60 -23.02
C GLY A 704 -10.27 -35.13 -22.21
N PHE A 705 -10.33 -34.80 -20.92
CA PHE A 705 -11.38 -35.37 -20.08
C PHE A 705 -12.77 -34.82 -20.41
N LEU A 706 -12.85 -33.65 -21.03
CA LEU A 706 -14.12 -33.09 -21.46
C LEU A 706 -14.54 -33.59 -22.84
N ASP A 707 -13.73 -34.44 -23.48
CA ASP A 707 -14.01 -34.95 -24.81
C ASP A 707 -14.61 -36.34 -24.68
N PRO A 708 -15.88 -36.55 -25.07
CA PRO A 708 -16.44 -37.90 -25.01
C PRO A 708 -15.80 -38.86 -26.01
N ARG A 709 -15.28 -38.35 -27.13
CA ARG A 709 -14.71 -39.18 -28.18
C ARG A 709 -13.25 -39.56 -27.92
N ASN A 710 -12.57 -38.88 -26.99
CA ASN A 710 -11.18 -39.20 -26.67
C ASN A 710 -11.16 -40.47 -25.85
N ASN A 711 -10.89 -41.61 -26.51
CA ASN A 711 -10.94 -42.89 -25.82
C ASN A 711 -9.81 -43.04 -24.82
N ARG A 712 -8.63 -42.47 -25.10
CA ARG A 712 -7.53 -42.55 -24.14
C ARG A 712 -7.88 -41.84 -22.84
N ALA A 713 -8.30 -40.58 -22.95
CA ALA A 713 -8.67 -39.80 -21.77
C ALA A 713 -9.86 -40.41 -21.05
N GLN A 714 -10.86 -40.90 -21.80
CA GLN A 714 -12.03 -41.48 -21.15
C GLN A 714 -11.68 -42.80 -20.47
N SER A 715 -10.68 -43.52 -20.98
CA SER A 715 -10.23 -44.73 -20.31
C SER A 715 -9.49 -44.39 -19.02
N ILE A 716 -8.60 -43.39 -19.07
CA ILE A 716 -7.93 -42.93 -17.86
C ILE A 716 -8.96 -42.55 -16.80
N LEU A 717 -10.01 -41.84 -17.21
CA LEU A 717 -11.06 -41.46 -16.28
C LEU A 717 -11.82 -42.67 -15.74
N ARG A 718 -12.34 -43.50 -16.65
CA ARG A 718 -13.16 -44.64 -16.28
C ARG A 718 -12.44 -45.58 -15.32
N LYS A 719 -11.12 -45.76 -15.50
CA LYS A 719 -10.35 -46.61 -14.59
C LYS A 719 -9.96 -45.83 -13.34
N PHE A 720 -10.95 -45.19 -12.73
CA PHE A 720 -10.77 -44.40 -11.51
C PHE A 720 -12.06 -44.22 -10.73
PB ADP B . -14.07 -3.75 1.93
O1B ADP B . -13.74 -2.29 2.18
O2B ADP B . -13.54 -4.30 0.63
O3B ADP B . -13.85 -4.63 3.14
PA ADP B . -16.43 -2.52 1.02
O1A ADP B . -15.64 -2.04 -0.17
O2A ADP B . -16.79 -1.55 2.12
O3A ADP B . -15.67 -3.76 1.70
O5' ADP B . -17.77 -3.21 0.48
C5' ADP B . -17.76 -4.55 -0.02
C4' ADP B . -19.16 -4.87 -0.50
O4' ADP B . -19.93 -5.38 0.60
C3' ADP B . -19.90 -3.64 -1.00
O3' ADP B . -20.53 -3.95 -2.24
C2' ADP B . -20.96 -3.34 0.05
O2' ADP B . -22.14 -2.84 -0.57
C1' ADP B . -21.18 -4.69 0.71
N9 ADP B . -21.56 -4.56 2.13
C8 ADP B . -20.72 -4.31 3.16
N7 ADP B . -21.40 -4.26 4.33
C5 ADP B . -22.71 -4.45 4.06
C6 ADP B . -23.98 -4.52 4.81
N6 ADP B . -24.04 -4.35 6.15
N1 ADP B . -25.11 -4.75 4.12
C2 ADP B . -25.11 -4.91 2.78
N3 ADP B . -23.99 -4.87 2.03
C4 ADP B . -22.79 -4.65 2.59
C1 EDO C . -23.49 -18.92 5.29
O1 EDO C . -23.75 -17.88 6.26
C2 EDO C . -23.02 -20.20 5.96
O2 EDO C . -21.75 -19.99 6.63
C1 EDO D . 2.48 14.88 -0.64
O1 EDO D . 3.86 15.06 -0.96
C2 EDO D . 2.01 13.50 -1.07
O2 EDO D . 2.80 12.49 -0.43
C1 EDO E . 22.31 20.14 13.48
O1 EDO E . 21.55 20.33 12.28
C2 EDO E . 23.30 18.97 13.32
O2 EDO E . 22.60 17.71 13.30
C1 EDO F . 21.19 -4.67 -4.52
O1 EDO F . 20.74 -5.90 -3.95
C2 EDO F . 21.07 -4.72 -6.03
O2 EDO F . 19.70 -4.86 -6.40
C1 EDO G . 26.93 -6.36 5.72
O1 EDO G . 26.61 -5.05 6.24
C2 EDO G . 28.18 -6.30 4.86
O2 EDO G . 28.00 -5.40 3.77
C1 EDO H . 23.73 -0.12 10.66
O1 EDO H . 24.82 -0.30 11.57
C2 EDO H . 24.20 -0.32 9.22
O2 EDO H . 25.20 0.64 8.88
C1 EDO I . -26.59 -0.46 2.45
O1 EDO I . -26.16 -0.85 3.75
C2 EDO I . -25.79 -1.20 1.38
O2 EDO I . -24.40 -0.92 1.54
C1 EDO J . -4.50 -28.98 -24.63
O1 EDO J . -3.68 -27.88 -25.05
C2 EDO J . -5.80 -28.97 -25.43
O2 EDO J . -5.49 -29.00 -26.83
C1 EDO K . -1.71 -17.82 11.12
O1 EDO K . -2.76 -17.96 12.07
C2 EDO K . -0.76 -19.01 11.26
O2 EDO K . -1.52 -20.18 11.56
C1 EDO L . 17.05 -6.96 -3.69
O1 EDO L . 16.60 -7.67 -2.53
C2 EDO L . 18.10 -7.80 -4.42
O2 EDO L . 19.19 -8.09 -3.53
C1 EDO M . -27.69 -4.41 7.18
O1 EDO M . -26.59 -5.33 7.25
C2 EDO M . -27.79 -3.82 5.78
O2 EDO M . -27.83 -4.88 4.81
C1 EDO N . -11.92 -7.88 21.68
O1 EDO N . -10.94 -6.84 21.71
C2 EDO N . -12.66 -7.86 20.35
O2 EDO N . -13.53 -9.00 20.28
C1 EDO O . -20.88 2.41 0.03
O1 EDO O . -20.30 3.69 -0.23
C2 EDO O . -20.94 2.16 1.53
O2 EDO O . -21.81 3.11 2.15
C1 EDO P . -26.28 -11.25 7.31
O1 EDO P . -26.05 -11.22 8.73
C2 EDO P . -26.43 -12.70 6.85
O2 EDO P . -25.35 -13.49 7.35
C1 EDO Q . -27.10 -8.26 9.22
O1 EDO Q . -27.88 -7.43 8.36
C2 EDO Q . -27.42 -7.94 10.67
O2 EDO Q . -26.32 -8.35 11.52
C1 EDO R . 28.03 -7.45 0.68
O1 EDO R . 28.71 -6.79 1.75
C2 EDO R . 28.74 -7.12 -0.63
O2 EDO R . 28.05 -7.70 -1.73
C1 EDO S . -7.36 6.03 -7.76
O1 EDO S . -5.92 6.16 -7.74
C2 EDO S . -7.77 4.64 -8.24
O2 EDO S . -7.39 4.43 -9.60
C1 EDO T . -19.25 14.99 1.98
O1 EDO T . -19.91 16.17 2.45
C2 EDO T . -18.13 15.37 1.01
O2 EDO T . -18.67 16.06 -0.12
C1 EDO U . 15.28 15.78 20.17
O1 EDO U . 15.83 17.10 20.07
C2 EDO U . 14.04 15.69 19.29
O2 EDO U . 14.41 15.66 17.92
C1 EDO V . 17.24 12.58 21.94
O1 EDO V . 18.65 12.57 21.75
C2 EDO V . 16.83 11.27 22.61
O2 EDO V . 16.35 10.34 21.62
C1 EDO W . 7.41 6.10 27.05
O1 EDO W . 8.72 6.20 26.49
C2 EDO W . 7.08 4.64 27.31
O2 EDO W . 7.54 3.87 26.19
C1 EDO X . -2.14 25.75 -1.78
O1 EDO X . -2.53 25.46 -0.43
C2 EDO X . -2.64 24.63 -2.70
O2 EDO X . -2.29 24.94 -4.05
C1 EDO Y . -5.25 -4.52 -0.64
O1 EDO Y . -4.36 -3.39 -0.64
C2 EDO Y . -4.62 -5.64 -1.47
O2 EDO Y . -3.35 -5.99 -0.88
C1 EDO Z . 18.60 -12.00 1.08
O1 EDO Z . 19.85 -11.30 1.21
C2 EDO Z . 17.92 -11.63 -0.24
O2 EDO Z . 16.59 -12.17 -0.25
C1 EDO AA . 29.64 -9.00 14.40
O1 EDO AA . 29.49 -7.80 15.17
C2 EDO AA . 28.30 -9.38 13.79
O2 EDO AA . 28.48 -9.71 12.40
C1 EDO BA . 8.38 -11.15 8.00
O1 EDO BA . 8.90 -11.32 6.68
C2 EDO BA . 6.87 -11.28 7.98
O2 EDO BA . 6.50 -12.63 7.70
C1 EDO CA . -19.55 -15.22 16.76
O1 EDO CA . -18.20 -15.64 16.53
C2 EDO CA . -20.28 -15.23 15.43
O2 EDO CA . -21.56 -14.60 15.55
C1 EDO DA . -0.72 -32.25 -11.95
O1 EDO DA . 0.38 -31.84 -11.13
C2 EDO DA . -0.71 -33.77 -12.08
O2 EDO DA . -0.37 -34.11 -13.42
C1 EDO EA . 7.19 1.08 27.76
O1 EDO EA . 8.47 1.68 28.01
C2 EDO EA . 7.19 0.42 26.38
O2 EDO EA . 7.76 -0.89 26.48
C1 EDO FA . 23.72 17.09 -21.72
O1 EDO FA . 24.73 17.76 -20.94
C2 EDO FA . 24.12 15.64 -21.95
O2 EDO FA . 24.18 14.95 -20.70
C1 EDO GA . 25.18 22.94 -17.86
O1 EDO GA . 25.24 24.24 -17.26
C2 EDO GA . 25.92 22.95 -19.19
O2 EDO GA . 27.07 22.09 -19.08
C1 EDO HA . -24.71 -31.07 -16.69
O1 EDO HA . -25.62 -30.51 -17.64
C2 EDO HA . -23.56 -31.73 -17.43
O2 EDO HA . -23.00 -32.77 -16.60
C1 EDO IA . -19.17 -32.51 -20.10
O1 EDO IA . -18.28 -33.20 -19.22
C2 EDO IA . -18.57 -32.50 -21.51
O2 EDO IA . -18.45 -33.85 -21.98
C1 EDO JA . 11.53 -8.06 -2.92
O1 EDO JA . 11.43 -8.02 -1.49
C2 EDO JA . 12.90 -8.60 -3.29
O2 EDO JA . 13.03 -9.93 -2.77
C1 EDO KA . 36.48 17.97 -20.06
O1 EDO KA . 36.23 19.26 -19.51
C2 EDO KA . 35.62 17.77 -21.31
O2 EDO KA . 35.96 16.53 -21.93
C1 EDO LA . -8.32 -3.60 19.50
O1 EDO LA . -9.32 -3.80 20.50
C2 EDO LA . -7.77 -4.95 19.05
O2 EDO LA . -7.61 -5.78 20.21
C1 EDO MA . 15.17 12.41 18.86
O1 EDO MA . 13.78 12.52 18.54
C2 EDO MA . 15.98 12.90 17.67
O2 EDO MA . 17.25 13.40 18.15
C1 EDO NA . 25.08 17.30 10.79
O1 EDO NA . 26.34 17.96 10.69
C2 EDO NA . 25.18 15.94 10.13
O2 EDO NA . 26.08 15.12 10.89
C1 EDO OA . -6.56 -12.13 24.56
O1 EDO OA . -6.42 -10.73 24.81
C2 EDO OA . -5.75 -12.50 23.32
O2 EDO OA . -4.37 -12.18 23.53
C1 EDO PA . 22.96 33.33 -8.76
O1 EDO PA . 23.93 33.94 -7.91
C2 EDO PA . 22.02 34.39 -9.33
O2 EDO PA . 22.75 35.27 -10.20
C1 GOL QA . -21.72 -25.12 0.20
O1 GOL QA . -22.97 -24.50 0.23
C2 GOL QA . -21.86 -26.40 -0.66
O2 GOL QA . -21.12 -26.34 -1.81
C3 GOL QA . -21.35 -27.51 0.23
O3 GOL QA . -20.91 -28.48 -0.66
C1 GOL RA . 10.23 -19.64 -7.33
O1 GOL RA . 10.20 -20.93 -6.77
C2 GOL RA . 9.02 -19.50 -8.32
O2 GOL RA . 8.89 -18.22 -8.82
C3 GOL RA . 9.28 -20.56 -9.43
O3 GOL RA . 9.00 -19.95 -10.66
C1 GOL SA . 16.29 11.28 26.16
O1 GOL SA . 15.30 12.05 25.53
C2 GOL SA . 16.01 9.77 25.82
O2 GOL SA . 16.63 8.86 26.68
C3 GOL SA . 14.48 9.65 25.87
O3 GOL SA . 14.16 8.30 25.85
C1 GOL TA . -0.82 5.75 26.22
O1 GOL TA . -1.97 5.04 25.88
C2 GOL TA . 0.41 4.85 25.89
O2 GOL TA . 0.50 4.53 24.54
C3 GOL TA . 1.64 5.67 26.40
O3 GOL TA . 2.04 6.54 25.37
C1 GOL UA . -12.94 11.57 21.98
O1 GOL UA . -13.04 11.21 23.31
C2 GOL UA . -12.13 12.89 21.96
O2 GOL UA . -10.79 12.70 22.21
C3 GOL UA . -12.39 13.51 20.58
O3 GOL UA . -11.63 14.69 20.48
C1 GOL VA . -27.82 -9.62 -2.70
O1 GOL VA . -27.40 -8.30 -2.53
C2 GOL VA . -28.43 -9.72 -4.12
O2 GOL VA . -27.48 -9.60 -5.12
C3 GOL VA . -29.17 -11.10 -4.15
O3 GOL VA . -28.23 -12.06 -4.56
C1 GOL WA . -25.48 -29.86 -10.22
O1 GOL WA . -26.33 -29.04 -9.49
C2 GOL WA . -25.94 -29.78 -11.70
O2 GOL WA . -26.09 -28.47 -12.13
C3 GOL WA . -24.82 -30.50 -12.47
O3 GOL WA . -23.94 -29.50 -12.87
C1 GOL XA . -18.22 -38.66 1.38
O1 GOL XA . -19.30 -38.16 2.09
C2 GOL XA . -18.62 -38.66 -0.11
O2 GOL XA . -19.41 -37.57 -0.44
C3 GOL XA . -17.28 -38.65 -0.85
O3 GOL XA . -17.54 -38.27 -2.15
C1 GOL YA . -17.13 -37.62 -9.07
O1 GOL YA . -17.02 -36.27 -9.38
C2 GOL YA . -16.21 -38.37 -10.06
O2 GOL YA . -14.97 -37.77 -10.17
C3 GOL YA . -16.12 -39.81 -9.51
O3 GOL YA . -15.68 -40.62 -10.56
C1 GOL ZA . -3.45 31.11 -8.66
O1 GOL ZA . -3.44 31.77 -7.44
C2 GOL ZA . -4.88 31.28 -9.22
O2 GOL ZA . -4.97 32.34 -10.10
C3 GOL ZA . -5.21 29.91 -9.86
O3 GOL ZA . -5.63 30.16 -11.16
C1 GOL AB . 30.11 31.56 6.27
O1 GOL AB . 29.92 32.93 6.09
C2 GOL AB . 30.06 30.93 4.86
O2 GOL AB . 30.49 31.78 3.87
C3 GOL AB . 30.95 29.67 4.97
O3 GOL AB . 31.30 29.31 3.67
C1 GOL BB . 8.92 8.00 -2.55
O1 GOL BB . 9.66 7.06 -3.25
C2 GOL BB . 9.17 9.38 -3.27
O2 GOL BB . 9.77 10.36 -2.49
C3 GOL BB . 9.85 9.07 -4.60
O3 GOL BB . 9.23 9.91 -5.59
C1 PEG CB . -10.43 8.11 -9.27
O1 PEG CB . -10.38 6.71 -9.08
C2 PEG CB . -9.13 8.76 -8.81
O2 PEG CB . -8.86 9.90 -9.56
C3 PEG CB . -8.14 10.86 -8.82
C4 PEG CB . -8.29 12.27 -9.38
O4 PEG CB . -7.02 12.80 -9.65
C1 PEG DB . 19.50 6.86 17.48
O1 PEG DB . 18.46 6.45 16.63
C2 PEG DB . 19.00 7.97 18.40
O2 PEG DB . 17.92 8.64 17.82
C3 PEG DB . 17.34 9.59 18.66
C4 PEG DB . 18.42 10.57 19.15
O4 PEG DB . 18.80 11.40 18.09
C1 PEG EB . 21.91 21.89 -18.66
O1 PEG EB . 22.42 20.59 -18.83
C2 PEG EB . 22.17 22.69 -19.94
O2 PEG EB . 21.62 23.97 -19.80
C3 PEG EB . 22.12 24.67 -18.70
C4 PEG EB . 23.18 25.66 -19.17
O4 PEG EB . 23.41 26.58 -18.14
C1 PEG FB . -11.57 -7.41 -3.40
O1 PEG FB . -10.39 -7.28 -4.15
C2 PEG FB . -11.31 -8.28 -2.16
O2 PEG FB . -10.41 -7.65 -1.30
C3 PEG FB . -9.39 -8.49 -0.83
C4 PEG FB . -8.16 -8.34 -1.70
O4 PEG FB . -7.46 -7.18 -1.35
C1 PEG GB . 18.85 -0.31 -18.01
O1 PEG GB . 18.33 -1.58 -18.32
C2 PEG GB . 19.96 0.04 -19.00
O2 PEG GB . 20.36 1.38 -18.82
C3 PEG GB . 21.24 1.57 -17.75
C4 PEG GB . 20.58 2.49 -16.73
O4 PEG GB . 19.51 3.15 -17.33
C1 PEG HB . 23.28 -5.11 -9.83
O1 PEG HB . 22.97 -6.19 -8.99
C2 PEG HB . 24.03 -4.04 -9.05
O2 PEG HB . 25.16 -3.65 -9.78
C3 PEG HB . 25.92 -2.66 -9.15
C4 PEG HB . 27.30 -2.59 -9.79
O4 PEG HB . 28.12 -1.71 -9.07
C1 PEG IB . -6.32 22.67 -9.62
O1 PEG IB . -7.08 21.49 -9.48
C2 PEG IB . -4.84 22.34 -9.52
O2 PEG IB . -4.09 23.52 -9.67
C3 PEG IB . -2.70 23.33 -9.64
C4 PEG IB . -2.23 23.21 -8.19
O4 PEG IB . -2.26 21.87 -7.77
C1 PEG JB . -9.93 30.66 9.55
O1 PEG JB . -11.27 31.02 9.47
C2 PEG JB . -9.21 31.61 10.51
O2 PEG JB . -7.83 31.44 10.34
C3 PEG JB . -7.35 30.25 10.90
C4 PEG JB . -6.10 29.83 10.13
O4 PEG JB . -5.36 28.93 10.91
C1 PEG KB . -18.02 30.35 10.73
O1 PEG KB . -18.70 29.40 11.49
C2 PEG KB . -16.64 29.81 10.37
O2 PEG KB . -16.03 30.64 9.42
C3 PEG KB . -15.27 31.67 9.98
C4 PEG KB . -14.16 31.06 10.84
O4 PEG KB . -13.03 31.87 10.79
C1 PEG LB . -21.98 -27.98 3.73
O1 PEG LB . -22.68 -27.37 4.79
C2 PEG LB . -21.20 -29.18 4.26
O2 PEG LB . -20.50 -28.81 5.41
C3 PEG LB . -19.19 -29.27 5.43
C4 PEG LB . -18.66 -29.26 6.86
O4 PEG LB . -17.60 -30.16 6.97
C1 PEG MB . -23.19 -20.96 9.51
O1 PEG MB . -23.99 -22.09 9.69
C2 PEG MB . -23.71 -19.81 10.37
O2 PEG MB . -22.86 -18.69 10.28
C3 PEG MB . -21.53 -18.92 10.63
C4 PEG MB . -20.63 -18.58 9.44
O4 PEG MB . -21.39 -18.56 8.26
MG MG NB . -12.14 -1.13 1.21
#